data_3SPZ
#
_entry.id   3SPZ
#
_cell.length_a   78.168
_cell.length_b   119.064
_cell.length_c   130.208
_cell.angle_alpha   90.00
_cell.angle_beta   90.00
_cell.angle_gamma   90.00
#
_symmetry.space_group_name_H-M   'P 21 21 21'
#
loop_
_entity.id
_entity.type
_entity.pdbx_description
1 polymer 'DNA polymerase'
2 polymer "5'-D(P*GP*AP*GP*TP*AP*AP*GP*CP*AP*GP*TP*CP*CP*GP*CP*G)-3'"
3 polymer "5'-D(*GP*CP*GP*GP*AP*CP*TP*GP*CP*TP*TP*AP*C)-3'"
4 non-polymer "2'-deoxy-5'-O-[(R)-hydroxy{[(R)-hydroxy(phosphonooxy)phosphoryl]methyl}phosphoryl]uridine"
5 non-polymer 'CALCIUM ION'
6 water water
#
loop_
_entity_poly.entity_id
_entity_poly.type
_entity_poly.pdbx_seq_one_letter_code
_entity_poly.pdbx_strand_id
1 'polypeptide(L)'
;MKEFYLTVEQIGDSIFERYIDSNGRERTREVEYKPSLFAHCPESQATKYFDIYGKPCTRKLFANMRDASQWIKRMEDIGL
EALGMDDFKLAYLSDTYNYEIKYDHTKIRVANFDIEVTSPDGFPEPSQAKHPIDAITHYDSIDDRFYVFDLLNSPYGNVE
EWSIEIAAKLQEQGGDEVPSEIIDKIIYMPFDNEKELLMEYLNFWQQKTPVILTGWNVESFAIPYVYNRIKNIFGESTAK
RLSPHRKTRVKVIENMYGSREIITLFGISVLDYIDLYKKFSFTNQPSYSLDYISEFELNVGKLKYDGPISKLRESNHQRY
ISYNIIAVYRVLQIDAKRQFINLSLDMGYYAKIQIQSVFSPIKTWDAIIFNSLKEQNKVIPQGRSHPVQPYPGAFVKEPI
PNRYKYVMSFDLTSAYPSIIRQVNISPETIAGTFKVAPLHDYINAVAERPSDVYSCSPNGMMYYKDRDGVVPTEITKVFN
QRKEHKGYMLAAQRNGEIIKEALHNPNLSVDEPLDVDYRFDFSDEIKEKIKKLSAKSLNEMLFRAQRTEVAGMTAQINRK
ALINGLAGALGNVWFRYYDLRNATAITTFGQMALQWIERKVNEYLNEVCGTEGEAFVLYGDTDSIYVSADKIIDKVGESK
FRDTNHWVDFLDKFARERMEPAIDRGFREMCEYMNNKQHLMFMDREAIAGPPLGSKGIGGFWTGKKRYALNVWDMEGTRY
AEPKLKIMGLETQKSSTPKAVQKALKECIRRMLQEGEESLQEYFKEFEKEFRQLNYISIASVSSANNIAKYDVGGFPGPK
CPFHIRGILTYNRAIKGNIDAPQVVEGEKVYVLPLREGNPFGDKCIAWPSGTEITDLIKDDVLHWMDYTVLLEKTFIKPL
EGFTSAAKLDYEKKASLFDMFDF
;
A
2 'polydeoxyribonucleotide' (DG)(DA)(DG)(DT)(DA)(DA)(DG)(DC)(DA)(DG)(DT)(DC)(DC)(DG)(DC)(DG) T
3 'polydeoxyribonucleotide' (DG)(DC)(DG)(DG)(DA)(DC)(DT)(DG)(DC)(DT)(DT)(DA)(DC) P
#
# COMPACT_ATOMS: atom_id res chain seq x y z
N MET A 1 -35.23 -0.65 -5.39
CA MET A 1 -33.79 -0.84 -5.69
C MET A 1 -33.41 -2.31 -5.53
N LYS A 2 -32.22 -2.68 -6.00
CA LYS A 2 -31.73 -4.04 -5.82
C LYS A 2 -31.15 -4.21 -4.43
N GLU A 3 -31.43 -5.36 -3.82
CA GLU A 3 -30.94 -5.69 -2.49
C GLU A 3 -29.47 -6.04 -2.51
N PHE A 4 -28.79 -5.72 -1.41
CA PHE A 4 -27.41 -6.11 -1.23
C PHE A 4 -27.12 -6.42 0.23
N TYR A 5 -26.20 -7.34 0.46
CA TYR A 5 -25.80 -7.70 1.82
C TYR A 5 -24.93 -6.63 2.50
N LEU A 6 -25.00 -6.62 3.83
CA LEU A 6 -24.13 -5.81 4.66
C LEU A 6 -23.09 -6.71 5.28
N THR A 7 -23.54 -7.73 6.02
CA THR A 7 -22.64 -8.72 6.61
C THR A 7 -23.24 -10.11 6.55
N VAL A 8 -22.37 -11.12 6.61
CA VAL A 8 -22.80 -12.50 6.71
C VAL A 8 -21.90 -13.26 7.70
N GLU A 9 -22.51 -14.15 8.48
CA GLU A 9 -21.77 -15.01 9.40
C GLU A 9 -22.32 -16.43 9.40
N GLN A 10 -21.45 -17.40 9.68
CA GLN A 10 -21.88 -18.77 9.96
C GLN A 10 -21.82 -19.03 11.45
N ILE A 11 -22.95 -19.43 12.01
CA ILE A 11 -23.05 -19.75 13.44
C ILE A 11 -23.80 -21.06 13.58
N GLY A 12 -23.04 -22.14 13.80
CA GLY A 12 -23.60 -23.49 13.79
C GLY A 12 -24.17 -23.83 12.43
N ASP A 13 -25.45 -24.21 12.41
CA ASP A 13 -26.19 -24.55 11.18
C ASP A 13 -26.94 -23.36 10.62
N SER A 14 -26.61 -22.17 11.14
CA SER A 14 -27.30 -20.95 10.74
C SER A 14 -26.40 -19.96 10.02
N ILE A 15 -26.96 -19.35 8.99
CA ILE A 15 -26.38 -18.17 8.37
C ILE A 15 -27.07 -16.98 9.00
N PHE A 16 -26.27 -16.02 9.45
CA PHE A 16 -26.77 -14.76 9.97
C PHE A 16 -26.33 -13.65 9.04
N GLU A 17 -27.31 -13.01 8.43
CA GLU A 17 -27.08 -11.98 7.44
C GLU A 17 -27.78 -10.69 7.80
N ARG A 18 -27.01 -9.61 7.77
CA ARG A 18 -27.54 -8.27 7.79
C ARG A 18 -27.56 -7.83 6.34
N TYR A 19 -28.67 -7.21 5.91
CA TYR A 19 -28.79 -6.78 4.53
C TYR A 19 -29.62 -5.50 4.37
N ILE A 20 -29.56 -4.92 3.16
CA ILE A 20 -30.44 -3.82 2.78
C ILE A 20 -31.52 -4.37 1.84
N ASP A 21 -32.79 -4.13 2.18
CA ASP A 21 -33.91 -4.62 1.36
C ASP A 21 -34.25 -3.68 0.19
N SER A 22 -35.28 -4.05 -0.58
CA SER A 22 -35.68 -3.33 -1.79
C SER A 22 -36.16 -1.90 -1.53
N ASN A 23 -36.58 -1.64 -0.29
CA ASN A 23 -36.95 -0.29 0.12
C ASN A 23 -35.75 0.46 0.69
N GLY A 24 -34.59 -0.18 0.67
CA GLY A 24 -33.37 0.40 1.19
C GLY A 24 -33.36 0.49 2.70
N ARG A 25 -34.03 -0.45 3.37
CA ARG A 25 -34.06 -0.50 4.84
C ARG A 25 -33.13 -1.60 5.35
N GLU A 26 -32.46 -1.37 6.48
CA GLU A 26 -31.60 -2.41 7.08
C GLU A 26 -32.40 -3.54 7.76
N ARG A 27 -32.11 -4.77 7.38
CA ARG A 27 -32.74 -5.93 7.98
C ARG A 27 -31.72 -6.99 8.41
N THR A 28 -32.15 -7.89 9.29
CA THR A 28 -31.35 -9.05 9.68
C THR A 28 -32.23 -10.29 9.49
N ARG A 29 -31.60 -11.44 9.25
CA ARG A 29 -32.31 -12.71 9.19
C ARG A 29 -31.42 -13.91 9.55
N GLU A 30 -32.00 -14.89 10.26
CA GLU A 30 -31.35 -16.18 10.47
C GLU A 30 -31.85 -17.14 9.39
N VAL A 31 -30.92 -17.76 8.66
CA VAL A 31 -31.28 -18.72 7.61
C VAL A 31 -30.65 -20.10 7.83
N GLU A 32 -31.50 -21.13 7.90
CA GLU A 32 -31.07 -22.52 8.03
C GLU A 32 -30.53 -22.99 6.69
N TYR A 33 -29.31 -22.58 6.37
CA TYR A 33 -28.77 -22.72 5.02
C TYR A 33 -28.44 -24.15 4.65
N LYS A 34 -28.96 -24.55 3.48
CA LYS A 34 -28.79 -25.91 2.98
C LYS A 34 -27.74 -25.95 1.87
N PRO A 35 -26.49 -26.34 2.22
CA PRO A 35 -25.35 -26.26 1.31
C PRO A 35 -25.31 -27.42 0.34
N SER A 36 -24.49 -27.30 -0.70
CA SER A 36 -24.22 -28.40 -1.62
C SER A 36 -22.73 -28.58 -1.81
N LEU A 37 -22.32 -29.84 -2.01
CA LEU A 37 -20.97 -30.16 -2.43
C LEU A 37 -21.06 -31.27 -3.47
N PHE A 38 -19.94 -31.63 -4.07
CA PHE A 38 -19.96 -32.48 -5.24
C PHE A 38 -18.93 -33.59 -5.17
N ALA A 39 -19.27 -34.70 -5.80
CA ALA A 39 -18.40 -35.85 -5.93
C ALA A 39 -18.40 -36.25 -7.39
N HIS A 40 -17.24 -36.63 -7.92
CA HIS A 40 -17.18 -37.20 -9.27
C HIS A 40 -18.09 -38.41 -9.35
N CYS A 41 -18.80 -38.54 -10.48
CA CYS A 41 -19.67 -39.67 -10.74
C CYS A 41 -19.23 -40.26 -12.07
N PRO A 42 -19.76 -41.45 -12.43
CA PRO A 42 -19.41 -42.03 -13.73
C PRO A 42 -20.05 -41.30 -14.91
N GLU A 43 -19.48 -41.49 -16.10
CA GLU A 43 -19.97 -40.82 -17.31
C GLU A 43 -21.40 -41.23 -17.63
N SER A 44 -21.74 -42.47 -17.28
CA SER A 44 -23.10 -43.01 -17.41
C SER A 44 -24.18 -42.15 -16.74
N GLN A 45 -23.76 -41.28 -15.82
CA GLN A 45 -24.68 -40.51 -15.00
C GLN A 45 -24.97 -39.12 -15.58
N ALA A 46 -26.20 -38.94 -16.07
CA ALA A 46 -26.65 -37.65 -16.61
C ALA A 46 -26.61 -36.54 -15.55
N THR A 47 -25.95 -35.44 -15.88
CA THR A 47 -25.74 -34.35 -14.93
C THR A 47 -25.56 -33.02 -15.67
N LYS A 48 -25.77 -31.91 -14.97
CA LYS A 48 -25.46 -30.60 -15.52
C LYS A 48 -24.23 -29.98 -14.83
N TYR A 49 -23.65 -30.70 -13.87
CA TYR A 49 -22.49 -30.21 -13.11
C TYR A 49 -21.23 -30.93 -13.55
N PHE A 50 -20.29 -30.14 -14.06
CA PHE A 50 -18.98 -30.66 -14.43
C PHE A 50 -17.88 -29.94 -13.65
N ASP A 51 -16.79 -30.63 -13.36
CA ASP A 51 -15.65 -29.96 -12.75
C ASP A 51 -14.90 -29.19 -13.84
N ILE A 52 -13.83 -28.47 -13.47
CA ILE A 52 -13.15 -27.58 -14.43
C ILE A 52 -12.46 -28.31 -15.59
N TYR A 53 -12.07 -29.56 -15.36
CA TYR A 53 -11.48 -30.41 -16.40
C TYR A 53 -12.54 -31.17 -17.21
N GLY A 54 -13.81 -30.91 -16.89
CA GLY A 54 -14.94 -31.46 -17.66
C GLY A 54 -15.45 -32.81 -17.22
N LYS A 55 -14.95 -33.30 -16.08
CA LYS A 55 -15.42 -34.56 -15.52
C LYS A 55 -16.76 -34.35 -14.82
N PRO A 56 -17.71 -35.27 -15.01
CA PRO A 56 -19.04 -35.07 -14.42
C PRO A 56 -19.05 -35.20 -12.89
N CYS A 57 -19.86 -34.38 -12.25
CA CYS A 57 -20.02 -34.49 -10.81
C CYS A 57 -21.47 -34.69 -10.40
N THR A 58 -21.65 -35.27 -9.23
CA THR A 58 -22.97 -35.45 -8.66
C THR A 58 -23.14 -34.43 -7.50
N ARG A 59 -24.28 -33.76 -7.47
CA ARG A 59 -24.58 -32.81 -6.39
C ARG A 59 -25.06 -33.55 -5.14
N LYS A 60 -24.44 -33.21 -4.02
CA LYS A 60 -24.81 -33.72 -2.70
C LYS A 60 -25.42 -32.56 -1.94
N LEU A 61 -26.74 -32.59 -1.77
CA LEU A 61 -27.47 -31.55 -1.06
C LEU A 61 -27.63 -31.95 0.41
N PHE A 62 -27.05 -31.16 1.31
CA PHE A 62 -27.06 -31.48 2.75
C PHE A 62 -28.13 -30.76 3.52
N ALA A 63 -28.68 -31.44 4.52
CA ALA A 63 -29.78 -30.91 5.34
C ALA A 63 -29.35 -29.71 6.20
N ASN A 64 -28.06 -29.64 6.49
CA ASN A 64 -27.47 -28.52 7.21
C ASN A 64 -25.98 -28.43 6.92
N MET A 65 -25.32 -27.45 7.50
CA MET A 65 -23.91 -27.19 7.21
C MET A 65 -22.94 -28.12 7.93
N ARG A 66 -23.37 -28.65 9.08
CA ARG A 66 -22.57 -29.64 9.78
C ARG A 66 -22.50 -30.93 8.99
N ASP A 67 -23.64 -31.41 8.50
CA ASP A 67 -23.70 -32.57 7.61
C ASP A 67 -22.67 -32.51 6.49
N ALA A 68 -22.58 -31.34 5.84
CA ALA A 68 -21.65 -31.10 4.76
C ALA A 68 -20.19 -31.18 5.21
N SER A 69 -19.91 -30.73 6.43
CA SER A 69 -18.56 -30.77 7.00
C SER A 69 -18.12 -32.19 7.34
N GLN A 70 -19.00 -32.93 8.01
CA GLN A 70 -18.77 -34.33 8.31
C GLN A 70 -18.49 -35.12 7.03
N TRP A 71 -19.20 -34.77 5.96
CA TRP A 71 -19.06 -35.47 4.69
C TRP A 71 -17.69 -35.24 4.08
N ILE A 72 -17.17 -34.03 4.28
CA ILE A 72 -15.82 -33.68 3.85
C ILE A 72 -14.80 -34.58 4.56
N LYS A 73 -14.98 -34.77 5.87
CA LYS A 73 -14.10 -35.63 6.66
C LYS A 73 -14.17 -37.09 6.17
N ARG A 74 -15.38 -37.59 5.97
CA ARG A 74 -15.57 -38.96 5.50
C ARG A 74 -14.92 -39.18 4.13
N MET A 75 -15.08 -38.21 3.22
CA MET A 75 -14.43 -38.26 1.91
C MET A 75 -12.90 -38.31 2.02
N GLU A 76 -12.34 -37.55 2.97
CA GLU A 76 -10.90 -37.59 3.24
C GLU A 76 -10.47 -38.98 3.74
N ASP A 77 -11.29 -39.58 4.59
CA ASP A 77 -11.05 -40.91 5.15
C ASP A 77 -11.18 -42.01 4.11
N ILE A 78 -11.88 -41.72 3.01
CA ILE A 78 -12.01 -42.68 1.93
C ILE A 78 -10.85 -42.49 0.93
N GLY A 79 -10.53 -41.23 0.67
CA GLY A 79 -9.48 -40.89 -0.28
C GLY A 79 -10.01 -40.36 -1.60
N LEU A 80 -11.20 -39.72 -1.56
CA LEU A 80 -11.83 -39.12 -2.77
C LEU A 80 -12.09 -37.63 -2.57
N GLU A 81 -11.97 -36.87 -3.65
CA GLU A 81 -12.10 -35.42 -3.66
C GLU A 81 -13.52 -35.00 -3.30
N ALA A 82 -13.62 -33.98 -2.45
CA ALA A 82 -14.90 -33.36 -2.11
C ALA A 82 -14.98 -31.96 -2.75
N LEU A 83 -15.68 -31.86 -3.87
CA LEU A 83 -15.68 -30.63 -4.67
C LEU A 83 -16.72 -29.62 -4.19
N GLY A 84 -16.53 -28.36 -4.58
CA GLY A 84 -17.48 -27.28 -4.28
C GLY A 84 -16.95 -26.25 -3.28
N MET A 85 -17.68 -25.15 -3.14
CA MET A 85 -17.33 -24.11 -2.16
C MET A 85 -17.54 -24.63 -0.74
N ASP A 86 -16.45 -24.77 -0.01
CA ASP A 86 -16.46 -25.32 1.35
C ASP A 86 -16.63 -24.23 2.40
N ASP A 87 -16.40 -22.97 2.01
CA ASP A 87 -16.71 -21.82 2.85
C ASP A 87 -18.15 -21.43 2.57
N PHE A 88 -19.06 -21.89 3.43
CA PHE A 88 -20.48 -21.82 3.12
C PHE A 88 -21.06 -20.42 3.02
N LYS A 89 -20.51 -19.46 3.77
CA LYS A 89 -21.05 -18.10 3.64
C LYS A 89 -20.81 -17.53 2.23
N LEU A 90 -19.77 -18.01 1.56
CA LEU A 90 -19.54 -17.62 0.18
C LEU A 90 -20.54 -18.26 -0.77
N ALA A 91 -20.90 -19.51 -0.51
CA ALA A 91 -21.95 -20.16 -1.30
C ALA A 91 -23.27 -19.42 -1.09
N TYR A 92 -23.57 -19.14 0.17
CA TYR A 92 -24.79 -18.43 0.54
C TYR A 92 -24.89 -17.10 -0.21
N LEU A 93 -23.85 -16.28 -0.10
CA LEU A 93 -23.83 -14.98 -0.77
C LEU A 93 -24.02 -15.15 -2.27
N SER A 94 -23.36 -16.16 -2.83
CA SER A 94 -23.47 -16.49 -4.25
C SER A 94 -24.88 -16.88 -4.67
N ASP A 95 -25.53 -17.71 -3.85
CA ASP A 95 -26.93 -18.13 -4.08
C ASP A 95 -27.95 -17.02 -3.83
N THR A 96 -27.66 -16.16 -2.86
CA THR A 96 -28.59 -15.08 -2.48
C THR A 96 -28.50 -13.84 -3.37
N TYR A 97 -27.31 -13.60 -3.93
CA TYR A 97 -27.09 -12.48 -4.84
C TYR A 97 -26.49 -13.02 -6.11
N ASN A 98 -27.33 -13.67 -6.91
CA ASN A 98 -26.91 -14.21 -8.19
C ASN A 98 -27.15 -13.17 -9.29
N TYR A 99 -26.34 -12.12 -9.21
CA TYR A 99 -26.35 -10.98 -10.10
C TYR A 99 -25.24 -10.03 -9.63
N GLU A 100 -24.84 -9.10 -10.50
CA GLU A 100 -23.81 -8.11 -10.19
C GLU A 100 -24.35 -7.14 -9.13
N ILE A 101 -23.69 -7.12 -7.97
CA ILE A 101 -24.17 -6.31 -6.85
C ILE A 101 -24.01 -4.83 -7.12
N LYS A 102 -25.14 -4.14 -7.13
CA LYS A 102 -25.18 -2.69 -7.18
C LYS A 102 -25.53 -2.26 -5.77
N TYR A 103 -24.59 -1.62 -5.09
CA TYR A 103 -24.77 -1.23 -3.71
C TYR A 103 -24.88 0.28 -3.59
N ASP A 104 -25.41 0.75 -2.46
CA ASP A 104 -25.55 2.17 -2.19
C ASP A 104 -24.96 2.51 -0.81
N HIS A 105 -23.84 3.22 -0.84
CA HIS A 105 -23.06 3.49 0.36
C HIS A 105 -23.78 4.33 1.43
N THR A 106 -24.74 5.15 1.00
CA THR A 106 -25.50 5.98 1.92
C THR A 106 -26.43 5.18 2.86
N LYS A 107 -26.67 3.90 2.54
CA LYS A 107 -27.45 2.98 3.40
C LYS A 107 -26.56 2.15 4.32
N ILE A 108 -25.26 2.12 4.04
CA ILE A 108 -24.31 1.33 4.82
C ILE A 108 -23.77 2.15 5.98
N ARG A 109 -24.00 1.67 7.20
CA ARG A 109 -23.55 2.39 8.38
C ARG A 109 -22.05 2.20 8.64
N VAL A 110 -21.29 3.28 8.48
CA VAL A 110 -19.84 3.28 8.73
C VAL A 110 -19.53 4.04 10.02
N ALA A 111 -18.85 3.35 10.93
CA ALA A 111 -18.56 3.90 12.25
C ALA A 111 -17.08 4.16 12.40
N ASN A 112 -16.77 5.36 12.85
CA ASN A 112 -15.40 5.74 13.11
C ASN A 112 -15.36 6.15 14.58
N PHE A 113 -14.51 5.49 15.37
CA PHE A 113 -14.45 5.81 16.79
C PHE A 113 -13.07 5.71 17.41
N ASP A 114 -12.91 6.29 18.59
CA ASP A 114 -11.64 6.30 19.33
C ASP A 114 -12.00 6.54 20.78
N ILE A 115 -11.35 5.82 21.69
CA ILE A 115 -11.64 5.97 23.10
C ILE A 115 -10.43 6.56 23.82
N GLU A 116 -10.68 7.22 24.95
CA GLU A 116 -9.59 7.67 25.81
C GLU A 116 -9.66 6.92 27.13
N VAL A 117 -8.47 6.59 27.68
CA VAL A 117 -8.35 5.89 28.96
C VAL A 117 -7.15 6.41 29.77
N THR A 118 -7.41 7.09 30.88
CA THR A 118 -6.32 7.60 31.73
C THR A 118 -5.65 6.45 32.46
N SER A 119 -4.31 6.46 32.49
CA SER A 119 -3.53 5.38 33.10
C SER A 119 -2.27 5.87 33.84
N PRO A 120 -2.34 5.95 35.18
CA PRO A 120 -1.22 6.37 36.02
C PRO A 120 -0.08 5.36 36.10
N ASP A 121 -0.30 4.14 35.60
CA ASP A 121 0.69 3.05 35.72
C ASP A 121 1.17 2.48 34.38
N GLY A 122 1.34 3.36 33.41
CA GLY A 122 1.80 2.94 32.08
C GLY A 122 0.68 2.45 31.20
N PHE A 123 1.03 1.94 30.03
CA PHE A 123 0.04 1.59 29.01
C PHE A 123 -1.14 0.75 29.50
N PRO A 124 -2.38 1.22 29.25
CA PRO A 124 -3.59 0.49 29.61
C PRO A 124 -3.85 -0.72 28.71
N GLU A 125 -3.41 -1.90 29.13
CA GLU A 125 -3.57 -3.12 28.33
C GLU A 125 -5.04 -3.51 28.17
N PRO A 126 -5.49 -3.71 26.91
CA PRO A 126 -6.88 -4.08 26.63
C PRO A 126 -7.30 -5.39 27.31
N SER A 127 -6.40 -6.37 27.37
CA SER A 127 -6.74 -7.67 27.93
C SER A 127 -7.06 -7.59 29.44
N GLN A 128 -6.56 -6.55 30.12
CA GLN A 128 -6.83 -6.32 31.54
C GLN A 128 -7.94 -5.29 31.75
N ALA A 129 -7.91 -4.21 30.96
CA ALA A 129 -8.96 -3.18 31.01
C ALA A 129 -9.30 -2.82 32.44
N LYS A 130 -8.28 -2.50 33.23
CA LYS A 130 -8.47 -2.23 34.65
C LYS A 130 -8.67 -0.77 34.96
N HIS A 131 -8.82 0.05 33.90
CA HIS A 131 -8.92 1.50 34.02
C HIS A 131 -10.16 2.02 33.36
N PRO A 132 -10.74 3.09 33.93
CA PRO A 132 -11.98 3.67 33.40
C PRO A 132 -11.83 4.19 31.98
N ILE A 133 -12.80 3.85 31.12
CA ILE A 133 -12.93 4.50 29.82
C ILE A 133 -13.54 5.89 30.05
N ASP A 134 -12.75 6.94 29.83
CA ASP A 134 -13.19 8.27 30.23
C ASP A 134 -13.60 9.20 29.09
N ALA A 135 -13.49 8.71 27.85
CA ALA A 135 -14.01 9.43 26.70
C ALA A 135 -14.18 8.48 25.53
N ILE A 136 -15.24 8.68 24.75
CA ILE A 136 -15.48 7.95 23.50
C ILE A 136 -16.04 8.94 22.50
N THR A 137 -15.38 9.11 21.36
CA THR A 137 -16.03 9.77 20.22
C THR A 137 -16.33 8.76 19.12
N HIS A 138 -17.60 8.73 18.72
CA HIS A 138 -18.10 7.76 17.78
C HIS A 138 -18.77 8.56 16.68
N TYR A 139 -18.24 8.46 15.47
CA TYR A 139 -18.85 9.09 14.31
C TYR A 139 -19.66 8.08 13.51
N ASP A 140 -20.91 8.45 13.19
CA ASP A 140 -21.83 7.61 12.45
C ASP A 140 -22.08 8.23 11.08
N SER A 141 -21.67 7.53 10.04
CA SER A 141 -21.74 8.03 8.66
C SER A 141 -23.16 8.29 8.14
N ILE A 142 -24.17 7.68 8.79
CA ILE A 142 -25.57 7.84 8.35
C ILE A 142 -26.27 9.04 9.01
N ASP A 143 -25.97 9.31 10.27
CA ASP A 143 -26.42 10.56 10.90
C ASP A 143 -25.44 11.69 10.58
N ASP A 144 -24.24 11.34 10.14
CA ASP A 144 -23.17 12.30 9.89
C ASP A 144 -22.98 13.12 11.18
N ARG A 145 -22.80 12.41 12.29
CA ARG A 145 -22.66 13.06 13.59
C ARG A 145 -21.56 12.43 14.45
N PHE A 146 -20.82 13.29 15.14
CA PHE A 146 -19.86 12.86 16.16
C PHE A 146 -20.53 12.78 17.52
N TYR A 147 -20.75 11.57 18.02
CA TYR A 147 -21.35 11.38 19.34
C TYR A 147 -20.25 11.26 20.39
N VAL A 148 -20.29 12.17 21.36
CA VAL A 148 -19.20 12.31 22.31
C VAL A 148 -19.64 11.89 23.72
N PHE A 149 -18.99 10.85 24.24
CA PHE A 149 -19.24 10.32 25.58
C PHE A 149 -18.10 10.71 26.51
N ASP A 150 -18.43 11.53 27.50
CA ASP A 150 -17.42 12.24 28.30
C ASP A 150 -17.61 11.95 29.79
N LEU A 151 -16.60 11.32 30.39
CA LEU A 151 -16.66 11.00 31.81
C LEU A 151 -16.20 12.18 32.69
N LEU A 152 -17.12 12.66 33.53
CA LEU A 152 -16.85 13.81 34.36
C LEU A 152 -16.25 13.40 35.69
N ASN A 153 -16.77 12.30 36.24
CA ASN A 153 -16.26 11.80 37.52
C ASN A 153 -15.55 10.45 37.43
N SER A 154 -14.30 10.46 37.88
CA SER A 154 -13.43 9.31 37.79
C SER A 154 -12.49 9.27 39.00
N PRO A 155 -12.08 8.07 39.44
CA PRO A 155 -11.08 7.92 40.50
C PRO A 155 -9.79 8.72 40.23
N TYR A 156 -9.55 9.05 38.97
CA TYR A 156 -8.38 9.84 38.59
C TYR A 156 -8.69 11.33 38.40
N GLY A 157 -9.85 11.74 38.87
CA GLY A 157 -10.18 13.16 38.91
C GLY A 157 -11.58 13.51 38.46
N ASN A 158 -12.19 14.47 39.15
CA ASN A 158 -13.47 14.99 38.75
C ASN A 158 -13.31 16.30 37.99
N VAL A 159 -13.95 16.39 36.83
CA VAL A 159 -13.75 17.51 35.92
C VAL A 159 -15.07 18.18 35.52
N GLU A 160 -14.97 19.41 35.03
CA GLU A 160 -16.13 20.13 34.55
C GLU A 160 -16.44 19.71 33.13
N GLU A 161 -17.65 19.99 32.68
CA GLU A 161 -18.06 19.72 31.29
C GLU A 161 -17.12 20.36 30.26
N TRP A 162 -16.99 19.70 29.12
CA TRP A 162 -16.24 20.22 27.98
C TRP A 162 -17.05 21.31 27.28
N SER A 163 -16.35 22.35 26.83
CA SER A 163 -16.97 23.53 26.25
C SER A 163 -16.80 23.61 24.74
N ILE A 164 -17.92 23.47 24.02
CA ILE A 164 -17.94 23.54 22.56
C ILE A 164 -17.55 24.94 22.07
N GLU A 165 -17.83 25.95 22.88
CA GLU A 165 -17.48 27.31 22.51
C GLU A 165 -15.97 27.50 22.54
N ILE A 166 -15.32 26.95 23.57
CA ILE A 166 -13.87 27.05 23.73
C ILE A 166 -13.12 26.15 22.75
N ALA A 167 -13.68 24.98 22.48
CA ALA A 167 -13.10 24.03 21.53
C ALA A 167 -13.00 24.62 20.13
N ALA A 168 -13.95 25.47 19.77
CA ALA A 168 -14.01 26.11 18.45
C ALA A 168 -13.05 27.29 18.29
N LYS A 169 -12.57 27.83 19.40
CA LYS A 169 -11.64 28.98 19.38
C LYS A 169 -10.25 28.59 18.86
N LEU A 170 -9.56 29.55 18.24
CA LEU A 170 -8.19 29.35 17.80
C LEU A 170 -7.30 28.93 18.95
N GLN A 171 -6.26 28.16 18.66
CA GLN A 171 -5.31 27.74 19.69
C GLN A 171 -4.61 28.93 20.31
N GLU A 172 -4.17 29.86 19.46
CA GLU A 172 -3.53 31.11 19.88
C GLU A 172 -4.46 32.03 20.68
N GLN A 173 -5.67 31.53 20.93
CA GLN A 173 -6.71 32.23 21.67
C GLN A 173 -7.14 31.37 22.88
N GLY A 174 -6.37 30.32 23.16
CA GLY A 174 -6.63 29.44 24.30
C GLY A 174 -7.63 28.33 24.03
N GLY A 175 -8.15 28.28 22.80
CA GLY A 175 -9.09 27.27 22.39
C GLY A 175 -8.41 26.07 21.77
N ASP A 176 -9.21 25.14 21.26
CA ASP A 176 -8.67 23.88 20.76
C ASP A 176 -8.66 23.76 19.25
N GLU A 177 -9.19 24.77 18.58
CA GLU A 177 -9.24 24.84 17.12
C GLU A 177 -9.88 23.58 16.52
N VAL A 178 -10.93 23.09 17.16
CA VAL A 178 -11.79 22.08 16.55
C VAL A 178 -12.35 22.65 15.24
N PRO A 179 -12.08 21.97 14.10
CA PRO A 179 -12.47 22.48 12.78
C PRO A 179 -13.92 22.94 12.71
N SER A 180 -14.15 24.10 12.11
CA SER A 180 -15.48 24.72 12.07
C SER A 180 -16.54 23.85 11.38
N GLU A 181 -16.13 23.12 10.34
CA GLU A 181 -17.06 22.31 9.54
C GLU A 181 -17.66 21.08 10.26
N ILE A 182 -17.26 20.85 11.51
CA ILE A 182 -17.80 19.72 12.31
C ILE A 182 -18.39 20.16 13.65
N ILE A 183 -18.19 21.43 13.99
CA ILE A 183 -18.72 21.99 15.24
C ILE A 183 -20.23 21.75 15.36
N ASP A 184 -20.97 21.99 14.27
CA ASP A 184 -22.42 21.77 14.27
C ASP A 184 -22.82 20.29 14.26
N LYS A 185 -21.86 19.39 14.11
CA LYS A 185 -22.15 17.95 14.01
C LYS A 185 -21.88 17.15 15.30
N ILE A 186 -21.31 17.82 16.30
CA ILE A 186 -21.01 17.20 17.59
C ILE A 186 -22.27 17.12 18.48
N ILE A 187 -22.56 15.93 18.97
CA ILE A 187 -23.60 15.73 19.99
C ILE A 187 -22.93 15.28 21.28
N TYR A 188 -22.93 16.18 22.27
CA TYR A 188 -22.13 16.00 23.47
C TYR A 188 -22.95 15.43 24.62
N MET A 189 -22.48 14.34 25.20
CA MET A 189 -23.17 13.68 26.29
C MET A 189 -22.21 13.47 27.45
N PRO A 190 -22.30 14.32 28.49
CA PRO A 190 -21.53 14.15 29.72
C PRO A 190 -22.19 13.12 30.62
N PHE A 191 -21.37 12.44 31.43
CA PHE A 191 -21.82 11.41 32.37
C PHE A 191 -21.05 11.53 33.68
N ASP A 192 -21.75 11.33 34.79
CA ASP A 192 -21.16 11.48 36.10
C ASP A 192 -20.58 10.18 36.67
N ASN A 193 -20.81 9.07 35.99
CA ASN A 193 -20.17 7.78 36.33
C ASN A 193 -19.96 6.88 35.12
N GLU A 194 -18.95 6.02 35.20
CA GLU A 194 -18.57 5.15 34.09
C GLU A 194 -19.72 4.25 33.67
N LYS A 195 -20.39 3.64 34.66
CA LYS A 195 -21.41 2.61 34.40
C LYS A 195 -22.55 3.13 33.50
N GLU A 196 -23.02 4.34 33.73
CA GLU A 196 -24.05 4.91 32.87
C GLU A 196 -23.52 5.30 31.49
N LEU A 197 -22.26 5.76 31.42
CA LEU A 197 -21.62 6.04 30.13
C LEU A 197 -21.57 4.80 29.22
N LEU A 198 -21.05 3.69 29.76
CA LEU A 198 -20.96 2.45 29.01
C LEU A 198 -22.34 1.89 28.67
N MET A 199 -23.25 1.87 29.64
CA MET A 199 -24.62 1.39 29.41
C MET A 199 -25.26 2.22 28.29
N GLU A 200 -25.07 3.52 28.37
CA GLU A 200 -25.61 4.41 27.36
C GLU A 200 -24.89 4.20 26.02
N TYR A 201 -23.61 3.83 26.06
CA TYR A 201 -22.87 3.55 24.83
C TYR A 201 -23.41 2.29 24.15
N LEU A 202 -23.65 1.24 24.93
CA LEU A 202 -24.23 0.02 24.42
C LEU A 202 -25.62 0.21 23.85
N ASN A 203 -26.45 0.96 24.58
CA ASN A 203 -27.81 1.20 24.13
C ASN A 203 -27.83 1.96 22.81
N PHE A 204 -26.94 2.94 22.69
CA PHE A 204 -26.71 3.70 21.45
C PHE A 204 -26.14 2.82 20.34
N TRP A 205 -25.22 1.92 20.70
CA TRP A 205 -24.70 0.92 19.77
C TRP A 205 -25.80 0.02 19.15
N GLN A 206 -26.75 -0.44 19.96
CA GLN A 206 -27.87 -1.27 19.43
C GLN A 206 -28.72 -0.48 18.42
N GLN A 207 -29.01 0.78 18.75
CA GLN A 207 -29.75 1.67 17.85
C GLN A 207 -29.02 1.97 16.55
N LYS A 208 -27.70 2.19 16.64
CA LYS A 208 -26.90 2.55 15.46
C LYS A 208 -25.77 1.54 15.28
N THR A 209 -26.17 0.31 14.94
CA THR A 209 -25.22 -0.80 14.90
C THR A 209 -24.32 -0.69 13.69
N PRO A 210 -23.01 -0.60 13.95
CA PRO A 210 -22.03 -0.48 12.88
C PRO A 210 -22.08 -1.67 11.94
N VAL A 211 -21.95 -1.40 10.64
CA VAL A 211 -21.72 -2.43 9.63
C VAL A 211 -20.21 -2.51 9.35
N ILE A 212 -19.62 -1.38 8.96
CA ILE A 212 -18.17 -1.23 8.88
C ILE A 212 -17.70 -0.48 10.12
N LEU A 213 -16.79 -1.07 10.89
CA LEU A 213 -16.27 -0.41 12.08
C LEU A 213 -14.83 -0.03 11.82
N THR A 214 -14.51 1.26 11.88
CA THR A 214 -13.13 1.71 11.60
C THR A 214 -12.60 2.74 12.59
N GLY A 215 -11.40 3.23 12.32
CA GLY A 215 -10.68 4.16 13.20
C GLY A 215 -9.23 3.74 13.30
N TRP A 216 -8.45 4.43 14.12
CA TRP A 216 -7.01 4.22 14.18
C TRP A 216 -6.59 3.28 15.30
N ASN A 217 -6.15 2.07 14.95
CA ASN A 217 -5.81 1.05 15.94
C ASN A 217 -7.01 0.45 16.69
N VAL A 218 -8.20 0.61 16.15
CA VAL A 218 -9.40 0.11 16.80
C VAL A 218 -9.30 -1.38 17.12
N GLU A 219 -8.74 -2.16 16.19
CA GLU A 219 -8.69 -3.61 16.33
C GLU A 219 -7.79 -4.07 17.46
N SER A 220 -6.65 -3.41 17.62
CA SER A 220 -5.72 -3.80 18.68
C SER A 220 -5.97 -3.09 20.00
N PHE A 221 -6.50 -1.87 19.96
CA PHE A 221 -6.74 -1.12 21.21
C PHE A 221 -8.23 -0.88 21.54
N ALA A 222 -8.87 0.05 20.84
CA ALA A 222 -10.21 0.50 21.18
C ALA A 222 -11.27 -0.61 21.33
N ILE A 223 -11.37 -1.51 20.35
CA ILE A 223 -12.37 -2.57 20.38
C ILE A 223 -12.17 -3.55 21.55
N PRO A 224 -10.98 -4.18 21.66
CA PRO A 224 -10.81 -5.08 22.81
C PRO A 224 -10.82 -4.36 24.17
N TYR A 225 -10.41 -3.10 24.24
CA TYR A 225 -10.51 -2.39 25.52
C TYR A 225 -11.96 -2.22 25.90
N VAL A 226 -12.79 -1.85 24.94
CA VAL A 226 -14.21 -1.62 25.22
C VAL A 226 -14.88 -2.92 25.65
N TYR A 227 -14.54 -4.02 24.96
CA TYR A 227 -15.13 -5.33 25.24
C TYR A 227 -14.74 -5.82 26.64
N ASN A 228 -13.45 -5.81 26.95
CA ASN A 228 -12.99 -6.32 28.22
C ASN A 228 -13.45 -5.47 29.39
N ARG A 229 -13.45 -4.15 29.20
CA ARG A 229 -13.94 -3.24 30.23
C ARG A 229 -15.43 -3.48 30.56
N ILE A 230 -16.28 -3.55 29.53
CA ILE A 230 -17.69 -3.87 29.73
C ILE A 230 -17.84 -5.25 30.35
N LYS A 231 -17.03 -6.21 29.91
CA LYS A 231 -17.01 -7.56 30.49
C LYS A 231 -16.74 -7.53 32.00
N ASN A 232 -15.72 -6.80 32.41
CA ASN A 232 -15.32 -6.76 33.83
C ASN A 232 -16.33 -6.07 34.72
N ILE A 233 -17.08 -5.12 34.17
CA ILE A 233 -18.04 -4.34 34.94
C ILE A 233 -19.41 -5.01 34.98
N PHE A 234 -19.84 -5.54 33.83
CA PHE A 234 -21.20 -6.07 33.70
C PHE A 234 -21.27 -7.58 33.47
N GLY A 235 -20.19 -8.18 32.99
CA GLY A 235 -20.20 -9.60 32.62
C GLY A 235 -20.05 -9.80 31.13
N GLU A 236 -19.66 -11.01 30.75
CA GLU A 236 -19.35 -11.33 29.35
C GLU A 236 -20.52 -11.12 28.40
N SER A 237 -21.71 -11.52 28.82
CA SER A 237 -22.87 -11.47 27.92
C SER A 237 -23.33 -10.05 27.62
N THR A 238 -23.02 -9.11 28.52
CA THR A 238 -23.25 -7.69 28.28
C THR A 238 -22.25 -7.19 27.24
N ALA A 239 -20.98 -7.53 27.40
CA ALA A 239 -19.93 -7.21 26.43
C ALA A 239 -20.29 -7.77 25.04
N LYS A 240 -20.97 -8.92 25.03
CA LYS A 240 -21.41 -9.57 23.80
C LYS A 240 -22.47 -8.79 22.99
N ARG A 241 -23.13 -7.83 23.64
CA ARG A 241 -24.07 -6.94 22.96
C ARG A 241 -23.41 -6.08 21.86
N LEU A 242 -22.08 -5.99 21.87
CA LEU A 242 -21.35 -5.32 20.78
C LEU A 242 -21.46 -6.10 19.47
N SER A 243 -21.94 -7.33 19.55
CA SER A 243 -22.21 -8.16 18.38
C SER A 243 -23.70 -8.19 18.11
N PRO A 244 -24.11 -7.79 16.90
CA PRO A 244 -25.52 -7.86 16.50
C PRO A 244 -26.14 -9.25 16.69
N HIS A 245 -25.31 -10.29 16.70
CA HIS A 245 -25.79 -11.66 16.87
C HIS A 245 -25.36 -12.24 18.22
N ARG A 246 -24.87 -11.36 19.09
CA ARG A 246 -24.41 -11.69 20.45
C ARG A 246 -23.38 -12.83 20.48
N LYS A 247 -22.57 -12.92 19.43
CA LYS A 247 -21.47 -13.87 19.39
C LYS A 247 -20.13 -13.18 19.16
N THR A 248 -19.13 -13.58 19.95
CA THR A 248 -17.78 -13.08 19.80
C THR A 248 -16.76 -14.22 19.89
N ARG A 249 -15.54 -13.93 19.45
CA ARG A 249 -14.41 -14.85 19.60
C ARG A 249 -13.21 -14.06 20.12
N VAL A 250 -12.60 -14.58 21.18
CA VAL A 250 -11.37 -14.01 21.69
C VAL A 250 -10.21 -14.64 20.92
N LYS A 251 -9.90 -14.01 19.78
CA LYS A 251 -9.11 -14.62 18.70
C LYS A 251 -7.61 -14.68 18.97
N VAL A 252 -6.89 -15.40 18.11
CA VAL A 252 -5.43 -15.49 18.13
C VAL A 252 -4.87 -15.53 16.70
N ILE A 253 -3.88 -14.67 16.42
CA ILE A 253 -3.27 -14.57 15.08
C ILE A 253 -2.00 -15.45 14.98
N GLU A 254 -1.94 -16.28 13.92
CA GLU A 254 -0.80 -17.18 13.69
C GLU A 254 0.07 -16.75 12.49
N ASN A 255 1.29 -16.31 12.77
CA ASN A 255 2.19 -15.75 11.75
C ASN A 255 3.69 -16.09 11.85
N MET A 256 4.47 -15.25 12.54
CA MET A 256 5.93 -15.33 12.49
C MET A 256 6.68 -14.76 13.72
N TYR A 257 6.03 -13.90 14.51
CA TYR A 257 6.71 -13.18 15.60
C TYR A 257 6.13 -13.36 17.02
N GLY A 258 4.86 -12.99 17.22
CA GLY A 258 4.26 -12.92 18.57
C GLY A 258 2.91 -13.58 18.79
N SER A 259 2.37 -13.44 20.00
CA SER A 259 1.11 -14.09 20.42
C SER A 259 0.14 -13.13 21.14
N ARG A 260 -0.76 -12.53 20.36
CA ARG A 260 -1.73 -11.55 20.88
C ARG A 260 -3.17 -12.10 20.93
N GLU A 261 -4.12 -11.26 21.37
CA GLU A 261 -5.55 -11.61 21.38
C GLU A 261 -6.50 -10.44 21.04
N ILE A 262 -7.11 -10.52 19.85
CA ILE A 262 -8.10 -9.55 19.38
C ILE A 262 -9.51 -10.15 19.48
N ILE A 263 -10.52 -9.30 19.36
CA ILE A 263 -11.90 -9.74 19.47
C ILE A 263 -12.59 -9.72 18.12
N THR A 264 -13.18 -10.86 17.76
CA THR A 264 -14.02 -10.93 16.59
C THR A 264 -15.44 -10.64 17.02
N LEU A 265 -15.99 -9.54 16.53
CA LEU A 265 -17.39 -9.20 16.77
C LEU A 265 -18.19 -9.73 15.61
N PHE A 266 -18.88 -10.84 15.81
CA PHE A 266 -19.66 -11.46 14.74
C PHE A 266 -20.77 -10.54 14.29
N GLY A 267 -20.95 -10.45 12.97
CA GLY A 267 -21.98 -9.59 12.38
C GLY A 267 -21.50 -8.16 12.22
N ILE A 268 -20.21 -7.93 12.46
CA ILE A 268 -19.57 -6.64 12.16
C ILE A 268 -18.32 -6.79 11.29
N SER A 269 -18.15 -5.89 10.34
CA SER A 269 -16.97 -5.93 9.50
C SER A 269 -16.00 -4.84 9.93
N VAL A 270 -14.93 -5.27 10.60
CA VAL A 270 -13.94 -4.37 11.15
C VAL A 270 -12.80 -4.19 10.16
N LEU A 271 -12.56 -2.93 9.80
CA LEU A 271 -11.45 -2.53 8.95
C LEU A 271 -10.68 -1.44 9.65
N ASP A 272 -9.77 -1.87 10.52
CA ASP A 272 -8.89 -0.96 11.23
C ASP A 272 -8.17 -0.10 10.18
N TYR A 273 -8.31 1.21 10.30
CA TYR A 273 -7.76 2.07 9.26
C TYR A 273 -6.24 2.00 9.11
N ILE A 274 -5.53 1.71 10.20
CA ILE A 274 -4.10 1.51 10.09
C ILE A 274 -3.79 0.35 9.13
N ASP A 275 -4.63 -0.68 9.14
CA ASP A 275 -4.44 -1.82 8.25
C ASP A 275 -4.75 -1.48 6.80
N LEU A 276 -5.86 -0.78 6.59
CA LEU A 276 -6.20 -0.25 5.28
C LEU A 276 -5.06 0.61 4.75
N TYR A 277 -4.55 1.48 5.60
CA TYR A 277 -3.46 2.36 5.20
C TYR A 277 -2.25 1.55 4.74
N LYS A 278 -1.87 0.54 5.51
CA LYS A 278 -0.69 -0.27 5.19
C LYS A 278 -0.85 -1.06 3.89
N LYS A 279 -2.05 -1.59 3.67
CA LYS A 279 -2.31 -2.35 2.46
C LYS A 279 -2.42 -1.49 1.22
N PHE A 280 -3.17 -0.39 1.32
CA PHE A 280 -3.61 0.33 0.12
C PHE A 280 -2.82 1.58 -0.26
N SER A 281 -2.01 2.10 0.67
CA SER A 281 -1.37 3.40 0.48
C SER A 281 -0.05 3.33 -0.28
N PHE A 282 0.63 2.19 -0.21
CA PHE A 282 1.95 2.01 -0.82
C PHE A 282 2.95 3.06 -0.39
N THR A 283 2.97 3.27 0.92
CA THR A 283 4.02 4.02 1.59
C THR A 283 4.57 3.09 2.65
N ASN A 284 5.85 3.24 2.98
CA ASN A 284 6.34 2.72 4.24
C ASN A 284 6.84 3.86 5.11
N GLN A 285 6.09 4.13 6.16
CA GLN A 285 6.32 5.25 7.06
C GLN A 285 7.20 4.84 8.23
N PRO A 286 8.00 5.78 8.76
CA PRO A 286 8.83 5.48 9.92
C PRO A 286 8.00 5.34 11.19
N SER A 287 6.78 5.87 11.15
CA SER A 287 5.87 5.78 12.27
C SER A 287 4.44 5.63 11.77
N TYR A 288 3.60 5.05 12.60
CA TYR A 288 2.20 4.93 12.28
C TYR A 288 1.30 5.52 13.35
N SER A 289 1.83 6.48 14.11
CA SER A 289 0.96 7.29 14.97
C SER A 289 0.08 8.15 14.09
N LEU A 290 -1.11 8.46 14.58
CA LEU A 290 -2.07 9.23 13.81
C LEU A 290 -1.59 10.66 13.54
N ASP A 291 -0.92 11.26 14.52
CA ASP A 291 -0.24 12.56 14.35
C ASP A 291 0.67 12.59 13.14
N TYR A 292 1.53 11.57 13.04
CA TYR A 292 2.48 11.44 11.94
C TYR A 292 1.79 11.27 10.59
N ILE A 293 0.84 10.34 10.53
CA ILE A 293 0.19 10.05 9.25
C ILE A 293 -0.67 11.23 8.80
N SER A 294 -1.39 11.84 9.76
CA SER A 294 -2.13 13.08 9.53
C SER A 294 -1.25 14.19 8.94
N GLU A 295 -0.09 14.43 9.55
CA GLU A 295 0.85 15.43 9.06
C GLU A 295 1.27 15.07 7.65
N PHE A 296 1.56 13.78 7.45
CA PHE A 296 1.99 13.31 6.15
C PHE A 296 0.92 13.50 5.09
N GLU A 297 -0.28 13.00 5.36
CA GLU A 297 -1.33 12.95 4.33
C GLU A 297 -1.99 14.30 4.10
N LEU A 298 -1.99 15.16 5.11
CA LEU A 298 -2.85 16.34 5.11
C LEU A 298 -2.16 17.67 5.43
N ASN A 299 -0.91 17.60 5.88
CA ASN A 299 -0.16 18.80 6.31
C ASN A 299 -0.82 19.57 7.44
N VAL A 300 -1.41 18.84 8.37
CA VAL A 300 -1.92 19.44 9.60
C VAL A 300 -0.88 19.21 10.71
N GLY A 301 -0.76 20.20 11.60
CA GLY A 301 0.22 20.13 12.68
C GLY A 301 -0.11 19.09 13.73
N LYS A 302 0.93 18.61 14.41
CA LYS A 302 0.82 17.67 15.53
C LYS A 302 -0.08 18.28 16.63
N LEU A 303 -1.00 17.49 17.17
CA LEU A 303 -1.88 17.93 18.26
C LEU A 303 -1.08 18.22 19.52
N LYS A 304 -0.93 19.51 19.84
CA LYS A 304 -0.06 19.98 20.93
C LYS A 304 -0.70 19.98 22.33
N TYR A 305 0.00 19.38 23.30
CA TYR A 305 -0.38 19.49 24.72
C TYR A 305 0.82 19.46 25.66
N ASP A 306 0.61 19.92 26.90
CA ASP A 306 1.67 19.97 27.91
C ASP A 306 1.60 18.78 28.86
N GLY A 307 2.77 18.23 29.18
CA GLY A 307 2.86 17.07 30.08
C GLY A 307 2.40 15.75 29.46
N PRO A 308 2.37 14.67 30.26
CA PRO A 308 1.99 13.37 29.74
C PRO A 308 0.50 13.26 29.41
N ILE A 309 0.14 12.25 28.61
CA ILE A 309 -1.26 11.94 28.36
C ILE A 309 -1.98 11.43 29.63
N SER A 310 -1.20 10.92 30.58
CA SER A 310 -1.74 10.35 31.83
C SER A 310 -2.15 11.44 32.82
N LYS A 311 -1.81 12.69 32.49
CA LYS A 311 -2.17 13.82 33.31
C LYS A 311 -3.03 14.81 32.56
N LEU A 312 -3.21 14.59 31.25
CA LEU A 312 -3.93 15.53 30.40
C LEU A 312 -5.40 15.71 30.78
N ARG A 313 -6.10 14.62 31.09
CA ARG A 313 -7.51 14.74 31.46
C ARG A 313 -7.69 15.63 32.69
N GLU A 314 -6.79 15.47 33.66
CA GLU A 314 -6.90 16.22 34.92
C GLU A 314 -6.41 17.67 34.80
N SER A 315 -5.30 17.89 34.09
CA SER A 315 -4.76 19.22 33.92
C SER A 315 -5.55 20.04 32.90
N ASN A 316 -6.01 19.40 31.84
CA ASN A 316 -6.74 20.09 30.78
C ASN A 316 -7.79 19.21 30.10
N HIS A 317 -8.87 18.95 30.81
CA HIS A 317 -9.99 18.19 30.29
C HIS A 317 -10.55 18.81 29.00
N GLN A 318 -10.58 20.14 28.94
CA GLN A 318 -11.07 20.84 27.77
C GLN A 318 -10.37 20.33 26.51
N ARG A 319 -9.03 20.28 26.57
CA ARG A 319 -8.22 19.88 25.43
C ARG A 319 -8.31 18.39 25.18
N TYR A 320 -8.27 17.61 26.27
CA TYR A 320 -8.46 16.15 26.25
C TYR A 320 -9.64 15.69 25.37
N ILE A 321 -10.81 16.27 25.59
CA ILE A 321 -11.99 15.90 24.81
C ILE A 321 -11.89 16.38 23.37
N SER A 322 -11.53 17.65 23.19
CA SER A 322 -11.32 18.21 21.84
C SER A 322 -10.41 17.35 20.98
N TYR A 323 -9.29 16.91 21.56
CA TYR A 323 -8.34 16.07 20.82
C TYR A 323 -8.90 14.69 20.52
N ASN A 324 -9.75 14.18 21.43
CA ASN A 324 -10.43 12.91 21.17
C ASN A 324 -11.31 13.05 19.94
N ILE A 325 -12.05 14.15 19.88
CA ILE A 325 -12.92 14.46 18.75
C ILE A 325 -12.13 14.64 17.46
N ILE A 326 -11.06 15.45 17.51
CA ILE A 326 -10.26 15.75 16.34
C ILE A 326 -9.60 14.50 15.75
N ALA A 327 -9.03 13.67 16.60
CA ALA A 327 -8.44 12.40 16.15
C ALA A 327 -9.42 11.54 15.34
N VAL A 328 -10.69 11.52 15.74
CA VAL A 328 -11.72 10.81 15.00
C VAL A 328 -11.90 11.48 13.64
N TYR A 329 -12.05 12.80 13.62
CA TYR A 329 -12.20 13.53 12.37
C TYR A 329 -11.03 13.30 11.40
N ARG A 330 -9.81 13.28 11.93
CA ARG A 330 -8.63 13.09 11.11
C ARG A 330 -8.64 11.80 10.28
N VAL A 331 -9.15 10.71 10.84
CA VAL A 331 -9.22 9.49 10.04
C VAL A 331 -10.18 9.70 8.89
N LEU A 332 -11.30 10.36 9.16
CA LEU A 332 -12.28 10.70 8.14
C LEU A 332 -11.68 11.60 7.05
N GLN A 333 -10.80 12.52 7.44
CA GLN A 333 -10.13 13.38 6.47
C GLN A 333 -9.12 12.64 5.60
N ILE A 334 -8.40 11.69 6.19
CA ILE A 334 -7.49 10.85 5.44
C ILE A 334 -8.29 10.01 4.45
N ASP A 335 -9.40 9.44 4.91
CA ASP A 335 -10.24 8.65 4.01
C ASP A 335 -10.93 9.48 2.94
N ALA A 336 -11.22 10.74 3.24
CA ALA A 336 -11.81 11.63 2.22
C ALA A 336 -10.82 11.83 1.09
N LYS A 337 -9.53 11.77 1.42
CA LYS A 337 -8.45 11.91 0.45
C LYS A 337 -8.16 10.59 -0.25
N ARG A 338 -7.84 9.57 0.53
CA ARG A 338 -7.35 8.29 0.01
C ARG A 338 -8.45 7.38 -0.52
N GLN A 339 -9.61 7.38 0.12
CA GLN A 339 -10.80 6.66 -0.36
C GLN A 339 -10.68 5.14 -0.27
N PHE A 340 -10.12 4.67 0.84
CA PHE A 340 -9.89 3.25 1.06
C PHE A 340 -11.16 2.50 1.48
N ILE A 341 -12.07 3.20 2.18
CA ILE A 341 -13.36 2.61 2.53
C ILE A 341 -14.18 2.36 1.26
N ASN A 342 -14.15 3.33 0.34
CA ASN A 342 -14.84 3.19 -0.95
C ASN A 342 -14.29 2.01 -1.77
N LEU A 343 -12.97 1.95 -1.88
CA LEU A 343 -12.25 0.86 -2.52
C LEU A 343 -12.61 -0.50 -1.89
N SER A 344 -12.41 -0.64 -0.58
CA SER A 344 -12.79 -1.86 0.15
C SER A 344 -14.19 -2.31 -0.21
N LEU A 345 -15.13 -1.37 -0.19
CA LEU A 345 -16.51 -1.70 -0.52
C LEU A 345 -16.65 -2.15 -1.99
N ASP A 346 -16.08 -1.40 -2.92
CA ASP A 346 -16.10 -1.77 -4.34
C ASP A 346 -15.64 -3.21 -4.56
N MET A 347 -14.49 -3.55 -3.97
CA MET A 347 -13.87 -4.87 -4.14
C MET A 347 -14.66 -5.98 -3.44
N GLY A 348 -15.13 -5.67 -2.23
CA GLY A 348 -15.88 -6.62 -1.43
C GLY A 348 -17.13 -7.13 -2.14
N TYR A 349 -17.89 -6.20 -2.70
CA TYR A 349 -19.15 -6.54 -3.39
C TYR A 349 -18.90 -7.13 -4.77
N TYR A 350 -17.84 -6.66 -5.43
CA TYR A 350 -17.42 -7.25 -6.70
C TYR A 350 -17.15 -8.74 -6.54
N ALA A 351 -16.44 -9.10 -5.46
CA ALA A 351 -16.04 -10.50 -5.21
C ALA A 351 -17.14 -11.32 -4.55
N LYS A 352 -18.11 -10.63 -3.95
CA LYS A 352 -19.13 -11.28 -3.09
C LYS A 352 -18.47 -11.97 -1.89
N ILE A 353 -17.63 -11.22 -1.18
CA ILE A 353 -17.01 -11.70 0.05
C ILE A 353 -17.48 -10.88 1.25
N GLN A 354 -17.15 -11.32 2.46
CA GLN A 354 -17.24 -10.45 3.63
C GLN A 354 -16.27 -9.33 3.36
N ILE A 355 -16.66 -8.11 3.71
CA ILE A 355 -15.86 -6.93 3.39
C ILE A 355 -14.46 -6.98 3.97
N GLN A 356 -14.30 -7.59 5.15
CA GLN A 356 -12.99 -7.65 5.79
C GLN A 356 -12.04 -8.60 5.08
N SER A 357 -12.57 -9.40 4.16
CA SER A 357 -11.78 -10.35 3.36
C SER A 357 -11.01 -9.67 2.23
N VAL A 358 -11.22 -8.37 2.01
CA VAL A 358 -10.42 -7.60 1.04
C VAL A 358 -8.92 -7.62 1.38
N PHE A 359 -8.57 -7.88 2.65
CA PHE A 359 -7.17 -7.98 3.07
C PHE A 359 -6.51 -9.23 2.53
N SER A 360 -7.33 -10.17 2.07
CA SER A 360 -6.83 -11.42 1.51
C SER A 360 -7.15 -11.54 0.02
N PRO A 361 -6.14 -11.34 -0.83
CA PRO A 361 -6.23 -11.52 -2.28
C PRO A 361 -6.66 -12.94 -2.60
N ILE A 362 -6.10 -13.91 -1.86
CA ILE A 362 -6.45 -15.32 -1.97
C ILE A 362 -7.96 -15.56 -1.76
N LYS A 363 -8.50 -15.03 -0.67
CA LYS A 363 -9.95 -15.14 -0.45
C LYS A 363 -10.74 -14.44 -1.54
N THR A 364 -10.29 -13.23 -1.90
CA THR A 364 -10.92 -12.43 -2.92
C THR A 364 -11.01 -13.21 -4.23
N TRP A 365 -9.87 -13.72 -4.71
CA TRP A 365 -9.88 -14.48 -5.95
C TRP A 365 -10.60 -15.81 -5.88
N ASP A 366 -10.54 -16.51 -4.75
CA ASP A 366 -11.31 -17.74 -4.57
C ASP A 366 -12.80 -17.49 -4.82
N ALA A 367 -13.32 -16.40 -4.24
CA ALA A 367 -14.70 -16.01 -4.45
C ALA A 367 -15.01 -15.61 -5.89
N ILE A 368 -14.14 -14.79 -6.49
CA ILE A 368 -14.38 -14.31 -7.85
C ILE A 368 -14.46 -15.50 -8.79
N ILE A 369 -13.42 -16.33 -8.77
CA ILE A 369 -13.35 -17.54 -9.60
C ILE A 369 -14.52 -18.52 -9.34
N PHE A 370 -14.87 -18.72 -8.07
CA PHE A 370 -16.00 -19.58 -7.74
C PHE A 370 -17.29 -19.06 -8.40
N ASN A 371 -17.57 -17.78 -8.20
CA ASN A 371 -18.79 -17.18 -8.75
C ASN A 371 -18.83 -17.24 -10.25
N SER A 372 -17.65 -17.16 -10.87
CA SER A 372 -17.55 -17.20 -12.31
C SER A 372 -17.87 -18.59 -12.82
N LEU A 373 -17.21 -19.60 -12.23
CA LEU A 373 -17.40 -20.99 -12.62
C LEU A 373 -18.82 -21.48 -12.34
N LYS A 374 -19.40 -21.06 -11.22
CA LYS A 374 -20.78 -21.42 -10.89
C LYS A 374 -21.81 -20.95 -11.95
N GLU A 375 -21.56 -19.80 -12.55
CA GLU A 375 -22.44 -19.27 -13.58
C GLU A 375 -22.56 -20.24 -14.76
N GLN A 376 -21.48 -20.98 -15.03
CA GLN A 376 -21.45 -21.97 -16.11
C GLN A 376 -21.72 -23.38 -15.58
N ASN A 377 -22.24 -23.48 -14.35
CA ASN A 377 -22.54 -24.76 -13.71
C ASN A 377 -21.30 -25.62 -13.43
N LYS A 378 -20.14 -24.98 -13.43
CA LYS A 378 -18.89 -25.69 -13.20
C LYS A 378 -18.65 -25.86 -11.70
N VAL A 379 -17.93 -26.92 -11.34
CA VAL A 379 -17.71 -27.29 -9.95
C VAL A 379 -16.23 -27.15 -9.57
N ILE A 380 -15.97 -26.35 -8.53
CA ILE A 380 -14.61 -25.99 -8.15
C ILE A 380 -13.87 -27.12 -7.42
N PRO A 381 -12.54 -27.21 -7.59
CA PRO A 381 -11.77 -28.28 -6.97
C PRO A 381 -11.65 -28.14 -5.46
N GLN A 382 -11.44 -29.26 -4.78
CA GLN A 382 -11.09 -29.22 -3.37
C GLN A 382 -9.65 -28.68 -3.21
N GLY A 383 -9.48 -27.79 -2.24
CA GLY A 383 -8.15 -27.33 -1.86
C GLY A 383 -7.34 -28.52 -1.38
N ARG A 384 -6.07 -28.57 -1.77
CA ARG A 384 -5.20 -29.66 -1.35
C ARG A 384 -4.05 -29.11 -0.54
N SER A 385 -3.42 -29.99 0.23
CA SER A 385 -2.22 -29.63 0.94
C SER A 385 -1.05 -29.67 -0.05
N HIS A 386 -0.11 -28.74 0.11
CA HIS A 386 1.11 -28.70 -0.70
C HIS A 386 2.31 -28.31 0.15
N PRO A 387 3.46 -28.97 -0.08
CA PRO A 387 4.68 -28.48 0.59
C PRO A 387 5.15 -27.18 -0.06
N VAL A 388 5.64 -26.23 0.74
CA VAL A 388 6.22 -25.00 0.20
C VAL A 388 7.51 -25.26 -0.58
N GLN A 389 7.50 -24.90 -1.86
CA GLN A 389 8.72 -24.94 -2.70
C GLN A 389 9.05 -23.57 -3.27
N PRO A 390 10.33 -23.17 -3.19
CA PRO A 390 10.81 -21.96 -3.87
C PRO A 390 10.70 -22.14 -5.38
N TYR A 391 10.58 -21.04 -6.11
CA TYR A 391 10.55 -21.09 -7.57
C TYR A 391 11.11 -19.78 -8.14
N PRO A 392 11.53 -19.76 -9.40
CA PRO A 392 12.21 -18.55 -9.89
C PRO A 392 11.28 -17.41 -10.34
N GLY A 393 11.76 -16.19 -10.18
CA GLY A 393 10.99 -15.00 -10.49
C GLY A 393 11.54 -14.26 -11.70
N ALA A 394 11.83 -12.98 -11.54
CA ALA A 394 12.17 -12.15 -12.68
C ALA A 394 13.67 -12.13 -12.99
N PHE A 395 13.99 -11.60 -14.16
CA PHE A 395 15.36 -11.34 -14.56
C PHE A 395 15.71 -9.91 -14.22
N VAL A 396 16.93 -9.72 -13.72
CA VAL A 396 17.48 -8.40 -13.52
C VAL A 396 18.87 -8.32 -14.12
N LYS A 397 19.04 -7.43 -15.08
CA LYS A 397 20.31 -7.22 -15.76
C LYS A 397 21.27 -6.54 -14.82
N GLU A 398 22.51 -7.02 -14.79
CA GLU A 398 23.56 -6.36 -14.03
C GLU A 398 23.97 -5.12 -14.82
N PRO A 399 23.78 -3.93 -14.23
CA PRO A 399 24.18 -2.72 -14.95
C PRO A 399 25.65 -2.40 -14.69
N ILE A 400 26.30 -1.73 -15.63
CA ILE A 400 27.64 -1.19 -15.40
C ILE A 400 27.51 0.07 -14.54
N PRO A 401 28.10 0.07 -13.33
CA PRO A 401 27.94 1.25 -12.51
C PRO A 401 28.58 2.43 -13.22
N ASN A 402 27.84 3.51 -13.33
CA ASN A 402 28.31 4.68 -14.07
C ASN A 402 27.31 5.83 -14.02
N ARG A 403 27.71 6.95 -14.61
CA ARG A 403 26.77 8.00 -14.97
C ARG A 403 26.22 7.70 -16.35
N TYR A 404 24.97 8.07 -16.54
CA TYR A 404 24.29 7.89 -17.81
C TYR A 404 23.51 9.17 -18.17
N LYS A 405 24.04 9.94 -19.12
CA LYS A 405 23.51 11.28 -19.46
C LYS A 405 22.04 11.32 -19.93
N TYR A 406 21.72 10.62 -21.02
CA TYR A 406 20.35 10.58 -21.54
C TYR A 406 19.80 9.17 -21.45
N VAL A 407 18.57 9.06 -20.94
CA VAL A 407 17.96 7.76 -20.76
C VAL A 407 16.47 7.78 -21.09
N MET A 408 16.06 6.77 -21.82
CA MET A 408 14.66 6.55 -22.14
C MET A 408 14.28 5.17 -21.63
N SER A 409 13.29 5.11 -20.75
CA SER A 409 12.84 3.82 -20.24
C SER A 409 11.52 3.37 -20.87
N PHE A 410 11.35 2.05 -20.97
CA PHE A 410 10.15 1.42 -21.53
C PHE A 410 9.83 0.23 -20.65
N ASP A 411 8.56 -0.10 -20.52
CA ASP A 411 8.10 -1.08 -19.55
C ASP A 411 6.74 -1.65 -20.04
N LEU A 412 6.49 -2.94 -19.82
CA LEU A 412 5.23 -3.57 -20.29
C LEU A 412 4.02 -3.16 -19.47
N THR A 413 2.91 -2.91 -20.16
CA THR A 413 1.64 -2.65 -19.46
C THR A 413 1.17 -3.90 -18.72
N SER A 414 0.98 -3.77 -17.40
CA SER A 414 0.45 -4.84 -16.57
C SER A 414 1.04 -6.19 -16.96
N ALA A 415 2.33 -6.35 -16.71
CA ALA A 415 3.13 -7.42 -17.29
C ALA A 415 2.65 -8.82 -16.95
N TYR A 416 2.64 -9.18 -15.67
CA TYR A 416 2.25 -10.53 -15.32
C TYR A 416 0.80 -10.87 -15.77
N PRO A 417 -0.20 -10.01 -15.45
CA PRO A 417 -1.56 -10.29 -15.95
C PRO A 417 -1.62 -10.41 -17.47
N SER A 418 -0.86 -9.56 -18.17
CA SER A 418 -0.85 -9.57 -19.63
C SER A 418 -0.26 -10.88 -20.15
N ILE A 419 0.74 -11.41 -19.44
CA ILE A 419 1.32 -12.70 -19.80
C ILE A 419 0.29 -13.79 -19.64
N ILE A 420 -0.43 -13.76 -18.52
CA ILE A 420 -1.51 -14.69 -18.25
C ILE A 420 -2.49 -14.71 -19.44
N ARG A 421 -2.87 -13.54 -19.92
CA ARG A 421 -3.90 -13.40 -20.96
C ARG A 421 -3.35 -13.78 -22.34
N GLN A 422 -2.10 -13.41 -22.60
CA GLN A 422 -1.42 -13.75 -23.84
C GLN A 422 -1.28 -15.25 -24.01
N VAL A 423 -0.84 -15.93 -22.96
CA VAL A 423 -0.56 -17.36 -23.04
C VAL A 423 -1.82 -18.20 -22.73
N ASN A 424 -2.81 -17.57 -22.09
CA ASN A 424 -4.04 -18.26 -21.67
C ASN A 424 -3.76 -19.23 -20.51
N ILE A 425 -3.05 -18.72 -19.50
CA ILE A 425 -2.64 -19.51 -18.33
C ILE A 425 -3.78 -19.60 -17.32
N SER A 426 -4.26 -20.82 -17.10
CA SER A 426 -5.36 -21.11 -16.18
C SER A 426 -5.19 -22.57 -15.72
N PRO A 427 -5.85 -22.98 -14.63
CA PRO A 427 -5.79 -24.41 -14.29
C PRO A 427 -6.40 -25.35 -15.34
N GLU A 428 -7.48 -24.93 -15.98
CA GLU A 428 -8.20 -25.80 -16.91
C GLU A 428 -7.79 -25.67 -18.38
N THR A 429 -6.85 -24.78 -18.68
CA THR A 429 -6.40 -24.57 -20.07
C THR A 429 -5.09 -25.29 -20.38
N ILE A 430 -4.62 -26.10 -19.43
CA ILE A 430 -3.40 -26.85 -19.63
C ILE A 430 -3.61 -27.93 -20.69
N ALA A 431 -2.78 -27.91 -21.74
CA ALA A 431 -2.91 -28.89 -22.84
C ALA A 431 -1.81 -29.95 -22.83
N GLY A 432 -0.68 -29.64 -22.21
CA GLY A 432 0.43 -30.59 -22.11
C GLY A 432 1.76 -29.91 -21.92
N THR A 433 2.84 -30.56 -22.33
CA THR A 433 4.19 -30.01 -22.20
C THR A 433 5.00 -30.21 -23.47
N PHE A 434 6.10 -29.48 -23.58
CA PHE A 434 7.09 -29.72 -24.62
C PHE A 434 8.46 -29.79 -23.98
N LYS A 435 9.43 -30.36 -24.68
CA LYS A 435 10.81 -30.46 -24.19
C LYS A 435 11.53 -29.11 -24.26
N VAL A 436 11.94 -28.59 -23.10
CA VAL A 436 12.56 -27.26 -23.04
C VAL A 436 13.99 -27.21 -23.56
N ALA A 437 14.30 -26.11 -24.23
CA ALA A 437 15.66 -25.76 -24.57
C ALA A 437 16.17 -24.82 -23.45
N PRO A 438 17.48 -24.58 -23.38
CA PRO A 438 17.92 -23.57 -22.41
C PRO A 438 17.28 -22.23 -22.75
N LEU A 439 16.98 -21.43 -21.74
CA LEU A 439 16.26 -20.18 -21.95
C LEU A 439 16.90 -19.28 -23.01
N HIS A 440 18.22 -19.10 -22.93
CA HIS A 440 18.96 -18.28 -23.89
C HIS A 440 18.61 -18.62 -25.35
N ASP A 441 18.33 -19.90 -25.62
CA ASP A 441 17.99 -20.37 -26.97
C ASP A 441 16.68 -19.78 -27.47
N TYR A 442 15.73 -19.56 -26.57
CA TYR A 442 14.50 -18.89 -26.95
C TYR A 442 14.76 -17.39 -27.13
N ILE A 443 15.48 -16.81 -26.17
CA ILE A 443 15.91 -15.40 -26.21
C ILE A 443 16.54 -15.08 -27.55
N ASN A 444 17.38 -15.99 -28.04
CA ASN A 444 18.12 -15.80 -29.30
C ASN A 444 17.48 -16.43 -30.54
N ALA A 445 16.22 -16.87 -30.40
CA ALA A 445 15.45 -17.46 -31.50
C ALA A 445 16.09 -18.66 -32.22
N VAL A 446 17.01 -19.37 -31.54
CA VAL A 446 17.63 -20.58 -32.11
C VAL A 446 16.90 -21.88 -31.75
N ALA A 447 16.21 -21.90 -30.63
CA ALA A 447 15.46 -23.08 -30.20
C ALA A 447 14.33 -23.46 -31.14
N GLU A 448 14.12 -24.76 -31.28
CA GLU A 448 13.00 -25.31 -32.01
C GLU A 448 11.71 -24.66 -31.52
N ARG A 449 10.86 -24.20 -32.42
CA ARG A 449 9.56 -23.65 -32.05
C ARG A 449 8.77 -24.68 -31.22
N PRO A 450 8.34 -24.28 -30.00
CA PRO A 450 7.70 -25.22 -29.07
C PRO A 450 6.46 -25.95 -29.61
N SER A 451 5.54 -25.22 -30.25
CA SER A 451 4.31 -25.83 -30.75
C SER A 451 3.68 -25.13 -31.94
N ASP A 452 3.11 -25.95 -32.82
CA ASP A 452 2.29 -25.53 -33.97
C ASP A 452 0.85 -25.34 -33.57
N VAL A 453 0.50 -25.87 -32.39
CA VAL A 453 -0.88 -26.14 -32.05
C VAL A 453 -1.34 -25.38 -30.80
N TYR A 454 -0.46 -25.28 -29.81
CA TYR A 454 -0.82 -24.72 -28.50
C TYR A 454 0.01 -23.48 -28.14
N SER A 455 -0.52 -22.73 -27.17
CA SER A 455 0.11 -21.52 -26.67
C SER A 455 1.12 -21.88 -25.59
N CYS A 456 2.33 -21.32 -25.68
CA CYS A 456 3.45 -21.83 -24.90
C CYS A 456 4.22 -20.81 -24.08
N SER A 457 4.77 -21.29 -22.97
CA SER A 457 5.75 -20.57 -22.18
C SER A 457 7.06 -21.33 -22.24
N PRO A 458 8.21 -20.62 -22.22
CA PRO A 458 9.49 -21.30 -22.30
C PRO A 458 9.82 -22.09 -21.04
N ASN A 459 8.88 -22.15 -20.09
CA ASN A 459 9.03 -23.02 -18.93
C ASN A 459 8.70 -24.49 -19.25
N GLY A 460 8.06 -24.74 -20.40
CA GLY A 460 7.73 -26.11 -20.82
C GLY A 460 6.25 -26.38 -20.94
N MET A 461 5.44 -25.37 -20.67
CA MET A 461 3.98 -25.51 -20.62
C MET A 461 3.27 -25.17 -21.92
N MET A 462 2.15 -25.85 -22.15
CA MET A 462 1.31 -25.64 -23.34
C MET A 462 -0.12 -25.43 -22.90
N TYR A 463 -0.80 -24.50 -23.57
CA TYR A 463 -2.19 -24.15 -23.24
C TYR A 463 -3.08 -24.10 -24.47
N TYR A 464 -4.37 -24.40 -24.28
CA TYR A 464 -5.35 -24.29 -25.36
C TYR A 464 -5.53 -22.86 -25.83
N LYS A 465 -5.46 -22.65 -27.14
CA LYS A 465 -5.69 -21.34 -27.77
C LYS A 465 -7.17 -21.10 -28.00
N ASP A 466 -7.92 -22.19 -28.15
CA ASP A 466 -9.26 -22.17 -28.71
C ASP A 466 -10.38 -21.91 -27.68
N ARG A 467 -10.00 -21.72 -26.41
CA ARG A 467 -10.97 -21.55 -25.30
C ARG A 467 -10.41 -20.74 -24.14
N ASP A 468 -11.25 -19.91 -23.52
CA ASP A 468 -10.78 -19.07 -22.43
C ASP A 468 -10.79 -19.75 -21.07
N GLY A 469 -9.71 -19.50 -20.32
CA GLY A 469 -9.63 -19.93 -18.94
C GLY A 469 -10.29 -18.91 -18.01
N VAL A 470 -10.83 -19.43 -16.92
CA VAL A 470 -11.42 -18.60 -15.88
C VAL A 470 -10.42 -17.60 -15.29
N VAL A 471 -9.14 -17.97 -15.19
CA VAL A 471 -8.13 -17.01 -14.75
C VAL A 471 -7.97 -15.82 -15.75
N PRO A 472 -7.63 -16.09 -17.02
CA PRO A 472 -7.58 -14.97 -17.97
C PRO A 472 -8.85 -14.13 -18.04
N THR A 473 -10.01 -14.79 -18.07
CA THR A 473 -11.29 -14.11 -18.19
C THR A 473 -11.51 -13.11 -17.05
N GLU A 474 -11.40 -13.60 -15.82
CA GLU A 474 -11.67 -12.75 -14.65
C GLU A 474 -10.54 -11.73 -14.38
N ILE A 475 -9.29 -12.10 -14.63
CA ILE A 475 -8.18 -11.15 -14.46
C ILE A 475 -8.28 -10.00 -15.47
N THR A 476 -8.83 -10.29 -16.64
CA THR A 476 -9.06 -9.31 -17.69
C THR A 476 -10.12 -8.29 -17.26
N LYS A 477 -11.24 -8.75 -16.69
CA LYS A 477 -12.27 -7.87 -16.17
C LYS A 477 -11.70 -6.82 -15.22
N VAL A 478 -10.93 -7.27 -14.22
CA VAL A 478 -10.34 -6.38 -13.24
C VAL A 478 -9.26 -5.48 -13.84
N PHE A 479 -8.43 -6.04 -14.72
CA PHE A 479 -7.48 -5.23 -15.52
C PHE A 479 -8.16 -4.05 -16.22
N ASN A 480 -9.26 -4.31 -16.92
CA ASN A 480 -9.99 -3.25 -17.63
C ASN A 480 -10.52 -2.14 -16.70
N GLN A 481 -10.96 -2.51 -15.51
CA GLN A 481 -11.34 -1.53 -14.48
C GLN A 481 -10.12 -0.71 -14.11
N ARG A 482 -9.00 -1.40 -13.93
CA ARG A 482 -7.75 -0.75 -13.58
C ARG A 482 -7.35 0.27 -14.63
N LYS A 483 -7.41 -0.13 -15.90
CA LYS A 483 -7.07 0.71 -17.04
C LYS A 483 -7.83 2.05 -17.04
N GLU A 484 -9.14 1.99 -16.81
CA GLU A 484 -10.03 3.15 -16.75
C GLU A 484 -9.59 4.18 -15.71
N HIS A 485 -9.26 3.69 -14.51
CA HIS A 485 -8.89 4.57 -13.42
C HIS A 485 -7.53 5.19 -13.63
N LYS A 486 -6.58 4.40 -14.15
CA LYS A 486 -5.25 4.93 -14.44
C LYS A 486 -5.40 6.08 -15.43
N GLY A 487 -6.27 5.88 -16.42
CA GLY A 487 -6.68 6.92 -17.37
C GLY A 487 -7.11 8.21 -16.68
N TYR A 488 -7.92 8.08 -15.64
CA TYR A 488 -8.35 9.26 -14.86
C TYR A 488 -7.20 9.90 -14.08
N MET A 489 -6.35 9.07 -13.49
CA MET A 489 -5.23 9.56 -12.68
C MET A 489 -4.23 10.33 -13.53
N LEU A 490 -3.91 9.78 -14.70
CA LEU A 490 -2.96 10.41 -15.58
C LEU A 490 -3.50 11.72 -16.17
N ALA A 491 -4.76 11.72 -16.57
CA ALA A 491 -5.39 12.95 -17.05
C ALA A 491 -5.32 14.05 -15.96
N ALA A 492 -5.68 13.69 -14.73
CA ALA A 492 -5.62 14.66 -13.62
C ALA A 492 -4.19 15.11 -13.38
N GLN A 493 -3.25 14.17 -13.46
CA GLN A 493 -1.84 14.48 -13.32
C GLN A 493 -1.38 15.48 -14.39
N ARG A 494 -1.77 15.24 -15.64
CA ARG A 494 -1.45 16.17 -16.73
C ARG A 494 -2.09 17.54 -16.54
N ASN A 495 -3.35 17.54 -16.09
CA ASN A 495 -4.09 18.78 -15.76
C ASN A 495 -3.40 19.57 -14.64
N GLY A 496 -2.91 18.85 -13.63
CA GLY A 496 -2.09 19.46 -12.58
C GLY A 496 -0.96 20.29 -13.19
N GLU A 497 -0.22 19.70 -14.11
CA GLU A 497 0.95 20.35 -14.71
C GLU A 497 0.58 21.58 -15.52
N ILE A 498 -0.58 21.54 -16.19
CA ILE A 498 -1.08 22.70 -16.91
C ILE A 498 -1.35 23.86 -15.95
N ILE A 499 -1.79 23.52 -14.73
CA ILE A 499 -2.12 24.49 -13.71
C ILE A 499 -0.86 25.07 -13.06
N LYS A 500 0.13 24.21 -12.82
CA LYS A 500 1.44 24.65 -12.29
C LYS A 500 2.17 25.61 -13.25
N GLU A 501 2.09 25.35 -14.56
CA GLU A 501 2.63 26.27 -15.58
C GLU A 501 1.89 27.62 -15.57
N ALA A 502 0.60 27.60 -15.28
CA ALA A 502 -0.20 28.82 -15.26
C ALA A 502 0.03 29.66 -14.00
N LEU A 503 0.57 29.03 -12.95
CA LEU A 503 0.87 29.74 -11.71
C LEU A 503 2.09 30.64 -11.83
N HIS A 504 2.88 30.44 -12.87
CA HIS A 504 4.04 31.28 -13.12
C HIS A 504 3.63 32.72 -13.45
N ASN A 505 2.44 32.87 -14.03
CA ASN A 505 1.89 34.19 -14.34
C ASN A 505 0.44 34.35 -13.83
N PRO A 506 0.26 34.39 -12.50
CA PRO A 506 -1.09 34.49 -11.97
C PRO A 506 -1.68 35.87 -12.18
N ASN A 507 -2.93 35.92 -12.62
CA ASN A 507 -3.58 37.19 -12.87
C ASN A 507 -4.04 37.88 -11.59
N LEU A 508 -4.25 39.18 -11.70
CA LEU A 508 -4.70 39.97 -10.57
C LEU A 508 -6.16 40.37 -10.78
N SER A 509 -7.03 39.51 -10.30
CA SER A 509 -8.47 39.76 -10.30
C SER A 509 -9.18 38.86 -9.28
N VAL A 510 -10.44 39.17 -9.01
CA VAL A 510 -11.28 38.32 -8.19
C VAL A 510 -12.13 37.47 -9.11
N ASP A 511 -11.82 36.18 -9.15
CA ASP A 511 -12.56 35.19 -9.94
C ASP A 511 -12.87 33.96 -9.10
N GLU A 512 -13.44 32.95 -9.74
CA GLU A 512 -13.71 31.68 -9.07
C GLU A 512 -13.08 30.53 -9.85
N PRO A 513 -12.66 29.46 -9.15
CA PRO A 513 -12.17 28.24 -9.80
C PRO A 513 -13.21 27.67 -10.76
N LEU A 514 -12.74 27.13 -11.88
CA LEU A 514 -13.62 26.61 -12.93
C LEU A 514 -14.27 25.29 -12.54
N ASP A 515 -15.54 25.15 -12.88
CA ASP A 515 -16.25 23.89 -12.65
C ASP A 515 -15.91 22.89 -13.76
N VAL A 516 -14.86 22.10 -13.52
CA VAL A 516 -14.42 21.09 -14.47
C VAL A 516 -14.34 19.69 -13.85
N ASP A 517 -14.25 18.69 -14.70
CA ASP A 517 -13.97 17.33 -14.28
C ASP A 517 -12.50 17.07 -14.58
N TYR A 518 -11.71 16.91 -13.51
CA TYR A 518 -10.26 16.79 -13.62
C TYR A 518 -9.80 15.43 -14.16
N ARG A 519 -10.76 14.52 -14.35
CA ARG A 519 -10.49 13.17 -14.84
C ARG A 519 -10.26 13.14 -16.35
N PHE A 520 -10.52 14.25 -17.02
CA PHE A 520 -10.35 14.31 -18.45
C PHE A 520 -9.47 15.48 -18.79
N ASP A 521 -8.59 15.30 -19.77
CA ASP A 521 -7.69 16.35 -20.22
C ASP A 521 -8.45 17.64 -20.53
N PHE A 522 -8.01 18.75 -19.95
CA PHE A 522 -8.63 20.06 -20.17
C PHE A 522 -8.76 20.37 -21.67
N SER A 523 -9.89 20.94 -22.04
CA SER A 523 -10.10 21.40 -23.41
C SER A 523 -9.25 22.65 -23.66
N ASP A 524 -9.11 23.01 -24.93
CA ASP A 524 -8.44 24.25 -25.30
C ASP A 524 -9.10 25.47 -24.67
N GLU A 525 -10.43 25.46 -24.56
CA GLU A 525 -11.16 26.60 -24.00
C GLU A 525 -10.85 26.72 -22.53
N ILE A 526 -10.90 25.60 -21.82
CA ILE A 526 -10.49 25.56 -20.40
C ILE A 526 -9.05 26.07 -20.23
N LYS A 527 -8.13 25.62 -21.07
CA LYS A 527 -6.74 26.08 -21.00
C LYS A 527 -6.65 27.61 -21.11
N GLU A 528 -7.47 28.20 -21.97
CA GLU A 528 -7.50 29.64 -22.19
C GLU A 528 -7.94 30.39 -20.94
N LYS A 529 -8.97 29.89 -20.27
CA LYS A 529 -9.49 30.55 -19.06
C LYS A 529 -8.48 30.43 -17.95
N ILE A 530 -7.88 29.25 -17.83
CA ILE A 530 -6.86 29.01 -16.83
C ILE A 530 -5.76 30.07 -16.91
N LYS A 531 -5.38 30.45 -18.14
CA LYS A 531 -4.35 31.47 -18.33
C LYS A 531 -4.75 32.86 -17.82
N LYS A 532 -6.03 33.07 -17.53
CA LYS A 532 -6.53 34.35 -17.03
C LYS A 532 -6.88 34.36 -15.55
N LEU A 533 -6.85 33.19 -14.89
CA LEU A 533 -7.28 33.05 -13.50
C LEU A 533 -6.28 33.60 -12.47
N SER A 534 -6.80 33.93 -11.29
CA SER A 534 -5.99 34.40 -10.17
C SER A 534 -5.19 33.27 -9.55
N ALA A 535 -4.18 33.62 -8.76
CA ALA A 535 -3.39 32.64 -8.02
C ALA A 535 -4.29 31.84 -7.08
N LYS A 536 -5.20 32.54 -6.41
CA LYS A 536 -6.15 31.92 -5.50
C LYS A 536 -6.94 30.82 -6.22
N SER A 537 -7.62 31.17 -7.31
CA SER A 537 -8.39 30.22 -8.11
C SER A 537 -7.55 29.05 -8.60
N LEU A 538 -6.35 29.34 -9.10
CA LEU A 538 -5.43 28.33 -9.63
C LEU A 538 -5.01 27.29 -8.58
N ASN A 539 -4.68 27.75 -7.39
CA ASN A 539 -4.26 26.86 -6.30
C ASN A 539 -5.40 26.00 -5.81
N GLU A 540 -6.60 26.57 -5.77
CA GLU A 540 -7.77 25.77 -5.47
C GLU A 540 -7.95 24.70 -6.54
N MET A 541 -7.73 25.06 -7.81
CA MET A 541 -7.86 24.09 -8.91
C MET A 541 -6.81 23.00 -8.82
N LEU A 542 -5.58 23.39 -8.47
CA LEU A 542 -4.45 22.47 -8.34
C LEU A 542 -4.74 21.48 -7.24
N PHE A 543 -5.26 21.98 -6.12
CA PHE A 543 -5.68 21.12 -5.03
C PHE A 543 -6.70 20.09 -5.53
N ARG A 544 -7.72 20.56 -6.23
CA ARG A 544 -8.79 19.69 -6.70
C ARG A 544 -8.24 18.67 -7.68
N ALA A 545 -7.40 19.14 -8.59
CA ALA A 545 -6.75 18.26 -9.57
C ALA A 545 -5.96 17.17 -8.86
N GLN A 546 -5.18 17.57 -7.87
CA GLN A 546 -4.32 16.64 -7.12
C GLN A 546 -5.14 15.66 -6.27
N ARG A 547 -6.26 16.12 -5.72
CA ARG A 547 -7.17 15.23 -5.01
C ARG A 547 -7.84 14.24 -5.94
N THR A 548 -8.02 14.62 -7.20
CA THR A 548 -8.60 13.74 -8.22
C THR A 548 -7.58 12.67 -8.62
N GLU A 549 -6.33 13.10 -8.81
CA GLU A 549 -5.21 12.19 -9.12
C GLU A 549 -5.00 11.16 -8.02
N VAL A 550 -4.99 11.60 -6.76
CA VAL A 550 -4.94 10.67 -5.63
C VAL A 550 -6.04 9.60 -5.69
N ALA A 551 -7.27 10.02 -5.96
CA ALA A 551 -8.39 9.10 -6.03
C ALA A 551 -8.21 8.07 -7.14
N GLY A 552 -7.77 8.52 -8.32
CA GLY A 552 -7.48 7.60 -9.42
C GLY A 552 -6.32 6.68 -9.07
N MET A 553 -5.38 7.20 -8.30
CA MET A 553 -4.22 6.42 -7.85
C MET A 553 -4.68 5.26 -6.97
N THR A 554 -5.48 5.57 -5.95
CA THR A 554 -6.02 4.55 -5.06
C THR A 554 -6.71 3.45 -5.84
N ALA A 555 -7.58 3.87 -6.77
CA ALA A 555 -8.45 2.96 -7.50
C ALA A 555 -7.71 2.11 -8.52
N GLN A 556 -6.73 2.71 -9.19
CA GLN A 556 -5.93 1.98 -10.18
C GLN A 556 -4.88 1.09 -9.53
N ILE A 557 -4.14 1.60 -8.53
CA ILE A 557 -2.98 0.87 -8.04
C ILE A 557 -3.38 -0.38 -7.27
N ASN A 558 -4.54 -0.35 -6.63
CA ASN A 558 -4.99 -1.49 -5.85
C ASN A 558 -5.75 -2.52 -6.67
N ARG A 559 -6.22 -2.14 -7.84
CA ARG A 559 -6.77 -3.13 -8.75
C ARG A 559 -5.60 -3.84 -9.44
N LYS A 560 -4.54 -3.07 -9.74
CA LYS A 560 -3.28 -3.64 -10.20
C LYS A 560 -2.72 -4.65 -9.19
N ALA A 561 -2.65 -4.24 -7.92
CA ALA A 561 -2.25 -5.12 -6.80
C ALA A 561 -3.06 -6.42 -6.72
N LEU A 562 -4.37 -6.31 -6.92
CA LEU A 562 -5.27 -7.47 -6.93
C LEU A 562 -4.95 -8.46 -8.06
N ILE A 563 -4.81 -7.97 -9.28
CA ILE A 563 -4.45 -8.83 -10.42
C ILE A 563 -3.02 -9.37 -10.34
N ASN A 564 -2.07 -8.54 -9.90
CA ASN A 564 -0.72 -9.03 -9.67
C ASN A 564 -0.72 -10.08 -8.55
N GLY A 565 -1.58 -9.83 -7.55
CA GLY A 565 -1.87 -10.79 -6.50
C GLY A 565 -2.32 -12.15 -7.03
N LEU A 566 -3.17 -12.15 -8.06
CA LEU A 566 -3.59 -13.42 -8.70
C LEU A 566 -2.41 -14.20 -9.27
N ALA A 567 -1.47 -13.52 -9.91
CA ALA A 567 -0.28 -14.18 -10.42
C ALA A 567 0.61 -14.76 -9.31
N GLY A 568 0.76 -14.04 -8.20
CA GLY A 568 1.57 -14.52 -7.08
C GLY A 568 0.91 -15.66 -6.32
N ALA A 569 -0.43 -15.60 -6.24
CA ALA A 569 -1.23 -16.56 -5.49
C ALA A 569 -1.12 -17.97 -6.05
N LEU A 570 -0.94 -18.08 -7.37
CA LEU A 570 -0.65 -19.34 -8.03
C LEU A 570 0.59 -20.03 -7.44
N GLY A 571 1.42 -19.27 -6.73
CA GLY A 571 2.59 -19.83 -6.04
C GLY A 571 2.44 -19.84 -4.52
N ASN A 572 1.21 -19.73 -4.05
CA ASN A 572 0.92 -19.84 -2.63
C ASN A 572 0.13 -21.12 -2.39
N VAL A 573 0.63 -21.94 -1.47
CA VAL A 573 0.12 -23.30 -1.27
C VAL A 573 -1.30 -23.35 -0.75
N TRP A 574 -1.81 -22.21 -0.28
CA TRP A 574 -3.13 -22.14 0.33
C TRP A 574 -4.22 -21.76 -0.66
N PHE A 575 -3.78 -21.38 -1.86
CA PHE A 575 -4.67 -21.03 -2.95
C PHE A 575 -5.21 -22.30 -3.58
N ARG A 576 -6.52 -22.35 -3.75
CA ARG A 576 -7.19 -23.49 -4.38
C ARG A 576 -6.57 -23.84 -5.75
N TYR A 577 -6.15 -22.83 -6.51
CA TYR A 577 -5.57 -23.05 -7.84
C TYR A 577 -4.03 -22.95 -7.83
N TYR A 578 -3.43 -23.21 -6.66
CA TYR A 578 -1.96 -23.33 -6.58
C TYR A 578 -1.40 -24.29 -7.61
N ASP A 579 -0.40 -23.85 -8.37
CA ASP A 579 0.26 -24.69 -9.38
C ASP A 579 1.55 -24.04 -9.87
N LEU A 580 2.67 -24.63 -9.47
CA LEU A 580 3.99 -24.12 -9.81
C LEU A 580 4.27 -24.08 -11.32
N ARG A 581 3.60 -24.94 -12.09
CA ARG A 581 3.67 -24.92 -13.55
C ARG A 581 3.09 -23.63 -14.11
N ASN A 582 1.99 -23.16 -13.52
CA ASN A 582 1.37 -21.92 -13.96
C ASN A 582 2.12 -20.69 -13.45
N ALA A 583 2.56 -20.76 -12.19
CA ALA A 583 3.33 -19.68 -11.59
C ALA A 583 4.62 -19.49 -12.39
N THR A 584 5.28 -20.60 -12.67
CA THR A 584 6.53 -20.62 -13.43
C THR A 584 6.33 -20.26 -14.90
N ALA A 585 5.16 -20.59 -15.44
CA ALA A 585 4.85 -20.21 -16.83
C ALA A 585 4.94 -18.68 -16.99
N ILE A 586 4.40 -17.95 -16.02
CA ILE A 586 4.43 -16.50 -16.02
C ILE A 586 5.85 -15.96 -15.88
N THR A 587 6.52 -16.31 -14.79
CA THR A 587 7.81 -15.70 -14.51
C THR A 587 8.83 -16.01 -15.62
N THR A 588 8.81 -17.25 -16.14
CA THR A 588 9.80 -17.66 -17.13
C THR A 588 9.56 -16.97 -18.47
N PHE A 589 8.29 -16.83 -18.86
CA PHE A 589 7.91 -16.05 -20.03
C PHE A 589 8.36 -14.61 -19.87
N GLY A 590 8.29 -14.11 -18.63
CA GLY A 590 8.69 -12.74 -18.31
C GLY A 590 10.18 -12.57 -18.53
N GLN A 591 10.97 -13.53 -18.05
CA GLN A 591 12.41 -13.52 -18.25
C GLN A 591 12.77 -13.55 -19.72
N MET A 592 12.10 -14.40 -20.50
CA MET A 592 12.34 -14.46 -21.93
C MET A 592 11.99 -13.11 -22.56
N ALA A 593 10.78 -12.64 -22.30
CA ALA A 593 10.29 -11.37 -22.85
C ALA A 593 11.31 -10.24 -22.71
N LEU A 594 11.78 -10.01 -21.48
CA LEU A 594 12.71 -8.93 -21.17
C LEU A 594 14.01 -9.05 -21.95
N GLN A 595 14.57 -10.25 -21.97
CA GLN A 595 15.83 -10.46 -22.64
C GLN A 595 15.68 -10.52 -24.16
N TRP A 596 14.54 -11.01 -24.63
CA TRP A 596 14.21 -11.02 -26.06
C TRP A 596 14.21 -9.58 -26.57
N ILE A 597 13.47 -8.72 -25.87
CA ILE A 597 13.25 -7.39 -26.36
C ILE A 597 14.49 -6.48 -26.16
N GLU A 598 15.39 -6.90 -25.27
CA GLU A 598 16.69 -6.24 -25.15
C GLU A 598 17.50 -6.42 -26.43
N ARG A 599 17.54 -7.66 -26.92
CA ARG A 599 18.23 -7.98 -28.15
C ARG A 599 17.61 -7.20 -29.30
N LYS A 600 16.28 -7.21 -29.40
CA LYS A 600 15.63 -6.55 -30.52
C LYS A 600 15.89 -5.06 -30.54
N VAL A 601 15.91 -4.44 -29.36
CA VAL A 601 16.16 -3.02 -29.25
C VAL A 601 17.62 -2.64 -29.59
N ASN A 602 18.61 -3.39 -29.10
CA ASN A 602 19.99 -3.13 -29.51
C ASN A 602 20.13 -3.31 -31.02
N GLU A 603 19.52 -4.38 -31.55
CA GLU A 603 19.54 -4.59 -33.00
C GLU A 603 19.02 -3.37 -33.73
N TYR A 604 17.79 -2.97 -33.43
CA TYR A 604 17.14 -1.85 -34.10
C TYR A 604 17.94 -0.54 -34.03
N LEU A 605 18.41 -0.18 -32.82
CA LEU A 605 19.07 1.11 -32.64
C LEU A 605 20.45 1.16 -33.31
N ASN A 606 21.17 0.04 -33.29
CA ASN A 606 22.41 -0.09 -34.06
C ASN A 606 22.14 0.14 -35.55
N GLU A 607 21.04 -0.40 -36.03
CA GLU A 607 20.68 -0.27 -37.43
C GLU A 607 20.37 1.18 -37.78
N VAL A 608 19.51 1.83 -36.99
CA VAL A 608 19.13 3.22 -37.32
C VAL A 608 20.29 4.19 -37.13
N CYS A 609 21.19 3.88 -36.19
CA CYS A 609 22.37 4.70 -35.98
C CYS A 609 23.53 4.32 -36.89
N GLY A 610 23.33 3.28 -37.70
CA GLY A 610 24.32 2.87 -38.70
C GLY A 610 25.59 2.23 -38.18
N THR A 611 25.51 1.73 -36.95
CA THR A 611 26.65 1.09 -36.27
C THR A 611 26.33 -0.39 -36.01
N GLU A 612 27.19 -1.08 -35.26
CA GLU A 612 27.00 -2.50 -35.04
C GLU A 612 27.51 -2.95 -33.67
N GLY A 613 26.67 -3.68 -32.94
CA GLY A 613 27.08 -4.30 -31.67
C GLY A 613 27.26 -3.39 -30.47
N GLU A 614 26.98 -2.10 -30.66
CA GLU A 614 26.97 -1.17 -29.54
C GLU A 614 25.83 -1.51 -28.58
N ALA A 615 26.07 -1.30 -27.29
CA ALA A 615 25.09 -1.62 -26.27
C ALA A 615 24.26 -0.39 -25.93
N PHE A 616 22.99 -0.42 -26.34
CA PHE A 616 22.07 0.67 -26.04
C PHE A 616 21.29 0.39 -24.77
N VAL A 617 20.96 -0.88 -24.52
CA VAL A 617 20.22 -1.22 -23.32
C VAL A 617 21.21 -1.32 -22.17
N LEU A 618 21.09 -0.42 -21.21
CA LEU A 618 22.08 -0.33 -20.15
C LEU A 618 21.64 -1.14 -18.92
N TYR A 619 20.34 -1.39 -18.82
CA TYR A 619 19.76 -2.01 -17.62
C TYR A 619 18.33 -2.52 -17.85
N GLY A 620 17.93 -3.49 -17.04
CA GLY A 620 16.57 -4.03 -17.13
C GLY A 620 16.22 -4.79 -15.87
N ASP A 621 14.93 -4.77 -15.53
CA ASP A 621 14.42 -5.43 -14.34
C ASP A 621 12.98 -5.86 -14.58
N THR A 622 12.75 -7.16 -14.56
CA THR A 622 11.42 -7.76 -14.68
C THR A 622 10.76 -7.54 -16.04
N ASP A 623 10.23 -6.34 -16.28
CA ASP A 623 9.56 -6.05 -17.54
C ASP A 623 10.02 -4.72 -18.16
N SER A 624 11.15 -4.22 -17.72
CA SER A 624 11.54 -2.88 -18.12
C SER A 624 12.94 -2.85 -18.72
N ILE A 625 13.14 -1.94 -19.67
CA ILE A 625 14.46 -1.69 -20.23
C ILE A 625 14.78 -0.20 -20.13
N TYR A 626 16.06 0.08 -19.91
CA TYR A 626 16.60 1.43 -19.85
C TYR A 626 17.59 1.62 -20.96
N VAL A 627 17.34 2.63 -21.79
CA VAL A 627 18.05 2.79 -23.06
C VAL A 627 18.88 4.06 -22.98
N SER A 628 20.17 3.93 -23.25
CA SER A 628 21.05 5.06 -23.38
C SER A 628 20.74 5.78 -24.67
N ALA A 629 20.32 7.03 -24.56
CA ALA A 629 19.95 7.79 -25.76
C ALA A 629 21.07 8.73 -26.21
N ASP A 630 22.26 8.60 -25.61
CA ASP A 630 23.43 9.44 -25.93
C ASP A 630 23.69 9.50 -27.41
N LYS A 631 23.75 8.32 -28.03
CA LYS A 631 24.04 8.20 -29.47
C LYS A 631 22.91 8.73 -30.35
N ILE A 632 21.66 8.59 -29.88
CA ILE A 632 20.53 9.18 -30.61
C ILE A 632 20.74 10.68 -30.66
N ILE A 633 21.09 11.27 -29.51
CA ILE A 633 21.35 12.71 -29.41
C ILE A 633 22.58 13.16 -30.19
N ASP A 634 23.73 12.49 -29.99
CA ASP A 634 24.95 12.82 -30.75
C ASP A 634 24.74 12.70 -32.27
N LYS A 635 23.88 11.78 -32.68
CA LYS A 635 23.60 11.55 -34.09
C LYS A 635 23.12 12.82 -34.75
N VAL A 636 22.25 13.55 -34.06
CA VAL A 636 21.74 14.81 -34.59
C VAL A 636 22.58 16.00 -34.15
N GLY A 637 23.34 15.82 -33.07
CA GLY A 637 24.17 16.88 -32.53
C GLY A 637 23.42 17.73 -31.51
N GLU A 638 24.02 17.91 -30.34
CA GLU A 638 23.43 18.71 -29.26
C GLU A 638 23.22 20.18 -29.62
N SER A 639 24.03 20.69 -30.54
CA SER A 639 23.94 22.08 -31.00
C SER A 639 22.59 22.45 -31.60
N LYS A 640 21.93 21.46 -32.19
CA LYS A 640 20.70 21.70 -32.95
C LYS A 640 19.49 22.03 -32.06
N PHE A 641 19.63 21.84 -30.74
CA PHE A 641 18.51 22.01 -29.82
C PHE A 641 18.41 23.41 -29.19
N ARG A 642 17.18 23.92 -29.19
CA ARG A 642 16.87 25.29 -28.75
C ARG A 642 16.96 25.43 -27.24
N ASP A 643 16.35 24.49 -26.53
CA ASP A 643 16.32 24.45 -25.08
C ASP A 643 16.15 23.00 -24.67
N THR A 644 16.03 22.76 -23.36
CA THR A 644 15.83 21.41 -22.86
C THR A 644 14.58 20.74 -23.45
N ASN A 645 13.46 21.47 -23.45
CA ASN A 645 12.19 20.93 -23.91
C ASN A 645 12.23 20.48 -25.38
N HIS A 646 13.09 21.12 -26.18
CA HIS A 646 13.26 20.76 -27.58
C HIS A 646 13.75 19.32 -27.73
N TRP A 647 14.80 18.95 -27.00
CA TRP A 647 15.32 17.59 -27.11
C TRP A 647 14.44 16.56 -26.42
N VAL A 648 13.75 16.96 -25.36
CA VAL A 648 12.74 16.11 -24.76
C VAL A 648 11.65 15.77 -25.79
N ASP A 649 11.21 16.79 -26.55
CA ASP A 649 10.27 16.59 -27.66
C ASP A 649 10.82 15.65 -28.73
N PHE A 650 12.11 15.78 -29.02
CA PHE A 650 12.75 14.93 -30.00
C PHE A 650 12.73 13.47 -29.59
N LEU A 651 13.23 13.18 -28.39
CA LEU A 651 13.28 11.81 -27.90
C LEU A 651 11.89 11.23 -27.68
N ASP A 652 10.95 12.07 -27.24
CA ASP A 652 9.58 11.62 -27.06
C ASP A 652 9.06 11.12 -28.40
N LYS A 653 9.21 11.95 -29.43
CA LYS A 653 8.73 11.61 -30.76
C LYS A 653 9.48 10.39 -31.31
N PHE A 654 10.77 10.30 -31.02
CA PHE A 654 11.61 9.16 -31.44
C PHE A 654 11.10 7.85 -30.83
N ALA A 655 10.77 7.87 -29.53
CA ALA A 655 10.29 6.68 -28.83
C ALA A 655 8.94 6.26 -29.38
N ARG A 656 8.04 7.22 -29.51
CA ARG A 656 6.68 6.94 -29.93
C ARG A 656 6.58 6.51 -31.41
N GLU A 657 7.35 7.15 -32.29
CA GLU A 657 7.19 6.97 -33.73
C GLU A 657 8.15 5.96 -34.34
N ARG A 658 9.28 5.73 -33.67
CA ARG A 658 10.31 4.82 -34.17
C ARG A 658 10.49 3.58 -33.33
N MET A 659 10.72 3.76 -32.03
CA MET A 659 11.08 2.65 -31.16
C MET A 659 9.92 1.73 -30.82
N GLU A 660 8.83 2.30 -30.32
CA GLU A 660 7.64 1.52 -29.98
C GLU A 660 7.15 0.59 -31.12
N PRO A 661 7.00 1.12 -32.35
CA PRO A 661 6.72 0.22 -33.47
C PRO A 661 7.73 -0.93 -33.61
N ALA A 662 9.02 -0.61 -33.55
CA ALA A 662 10.08 -1.64 -33.62
C ALA A 662 9.96 -2.62 -32.44
N ILE A 663 9.57 -2.08 -31.30
CA ILE A 663 9.31 -2.92 -30.14
C ILE A 663 8.09 -3.81 -30.40
N ASP A 664 7.01 -3.20 -30.89
CA ASP A 664 5.80 -3.94 -31.22
C ASP A 664 6.12 -5.06 -32.19
N ARG A 665 6.85 -4.75 -33.26
CA ARG A 665 7.20 -5.77 -34.27
C ARG A 665 7.95 -6.91 -33.63
N GLY A 666 8.88 -6.57 -32.74
CA GLY A 666 9.68 -7.54 -32.01
C GLY A 666 8.85 -8.49 -31.17
N PHE A 667 7.85 -7.96 -30.46
CA PHE A 667 6.98 -8.78 -29.61
C PHE A 667 5.97 -9.62 -30.39
N ARG A 668 5.48 -9.09 -31.49
CA ARG A 668 4.54 -9.85 -32.32
C ARG A 668 5.21 -11.11 -32.87
N GLU A 669 6.52 -11.01 -33.09
CA GLU A 669 7.33 -12.14 -33.55
C GLU A 669 7.47 -13.18 -32.45
N MET A 670 7.69 -12.71 -31.22
CA MET A 670 7.82 -13.59 -30.08
C MET A 670 6.49 -14.30 -29.81
N CYS A 671 5.39 -13.59 -30.03
CA CYS A 671 4.06 -14.16 -29.90
C CYS A 671 3.89 -15.33 -30.85
N GLU A 672 4.21 -15.10 -32.13
CA GLU A 672 4.19 -16.14 -33.14
C GLU A 672 5.13 -17.28 -32.79
N TYR A 673 6.31 -16.93 -32.28
CA TYR A 673 7.29 -17.90 -31.82
C TYR A 673 6.71 -18.83 -30.77
N MET A 674 5.94 -18.28 -29.83
CA MET A 674 5.35 -19.08 -28.76
C MET A 674 3.90 -19.48 -29.07
N ASN A 675 3.46 -19.11 -30.27
CA ASN A 675 2.12 -19.45 -30.73
C ASN A 675 1.02 -19.09 -29.73
N ASN A 676 1.13 -17.90 -29.14
CA ASN A 676 0.20 -17.44 -28.09
C ASN A 676 -1.20 -17.09 -28.59
N LYS A 677 -2.17 -17.12 -27.67
CA LYS A 677 -3.57 -16.83 -27.97
C LYS A 677 -3.74 -15.40 -28.49
N GLN A 678 -3.16 -14.44 -27.79
CA GLN A 678 -3.31 -13.04 -28.14
C GLN A 678 -2.04 -12.27 -27.82
N HIS A 679 -1.63 -11.42 -28.76
CA HIS A 679 -0.53 -10.52 -28.53
C HIS A 679 -0.95 -9.40 -27.56
N LEU A 680 -0.36 -9.41 -26.37
CA LEU A 680 -0.68 -8.37 -25.37
C LEU A 680 0.56 -7.74 -24.71
N MET A 681 1.73 -8.00 -25.29
CA MET A 681 2.99 -7.40 -24.82
C MET A 681 3.13 -5.98 -25.35
N PHE A 682 2.63 -5.02 -24.56
CA PHE A 682 2.63 -3.62 -24.95
C PHE A 682 3.63 -2.90 -24.07
N MET A 683 4.74 -2.52 -24.70
CA MET A 683 5.85 -1.90 -23.99
C MET A 683 5.95 -0.43 -24.36
N ASP A 684 5.31 0.41 -23.54
CA ASP A 684 5.23 1.85 -23.79
C ASP A 684 6.37 2.60 -23.10
N ARG A 685 6.77 3.72 -23.69
CA ARG A 685 7.79 4.56 -23.11
C ARG A 685 7.33 5.07 -21.74
N GLU A 686 8.22 4.97 -20.76
CA GLU A 686 7.97 5.44 -19.41
C GLU A 686 8.65 6.78 -19.21
N ALA A 687 9.97 6.78 -19.01
CA ALA A 687 10.69 8.00 -18.65
C ALA A 687 11.62 8.55 -19.74
N ILE A 688 11.73 9.89 -19.78
CA ILE A 688 12.72 10.57 -20.61
C ILE A 688 13.60 11.42 -19.70
N ALA A 689 14.89 11.11 -19.67
CA ALA A 689 15.76 11.65 -18.65
C ALA A 689 17.07 12.18 -19.21
N GLY A 690 17.53 13.27 -18.61
CA GLY A 690 18.74 13.92 -19.03
C GLY A 690 18.95 15.15 -18.19
N PRO A 691 20.15 15.75 -18.28
CA PRO A 691 20.49 16.99 -17.59
C PRO A 691 19.88 18.19 -18.30
N PRO A 692 19.69 19.32 -17.61
CA PRO A 692 19.20 20.50 -18.32
C PRO A 692 20.20 20.84 -19.42
N LEU A 693 19.68 21.24 -20.59
CA LEU A 693 20.53 21.58 -21.72
C LEU A 693 21.44 22.76 -21.34
N GLY A 694 22.74 22.61 -21.57
CA GLY A 694 23.72 23.63 -21.25
C GLY A 694 24.33 23.52 -19.86
N SER A 695 23.88 22.51 -19.10
CA SER A 695 24.32 22.34 -17.71
C SER A 695 25.47 21.33 -17.54
N LYS A 696 26.14 21.39 -16.40
CA LYS A 696 27.13 20.37 -16.05
C LYS A 696 26.50 19.12 -15.41
N GLY A 697 25.17 19.09 -15.38
CA GLY A 697 24.42 17.96 -14.82
C GLY A 697 24.76 16.65 -15.50
N ILE A 698 24.73 15.57 -14.74
CA ILE A 698 25.14 14.27 -15.26
C ILE A 698 23.94 13.44 -15.75
N GLY A 699 22.73 13.94 -15.52
CA GLY A 699 21.52 13.30 -16.05
C GLY A 699 20.98 12.15 -15.22
N GLY A 700 21.86 11.19 -14.91
CA GLY A 700 21.47 9.98 -14.19
C GLY A 700 22.67 9.17 -13.77
N PHE A 701 22.45 8.21 -12.87
CA PHE A 701 23.48 7.22 -12.53
C PHE A 701 22.90 5.92 -11.99
N TRP A 702 23.65 4.85 -12.17
CA TRP A 702 23.34 3.53 -11.62
C TRP A 702 24.46 3.12 -10.69
N THR A 703 24.12 2.55 -9.54
CA THR A 703 25.17 1.96 -8.69
C THR A 703 25.17 0.42 -8.72
N GLY A 704 24.05 -0.17 -9.15
CA GLY A 704 23.87 -1.63 -9.15
C GLY A 704 22.42 -1.99 -9.48
N LYS A 705 22.07 -3.26 -9.32
CA LYS A 705 20.69 -3.65 -9.56
C LYS A 705 19.79 -2.91 -8.58
N LYS A 706 18.63 -2.48 -9.07
CA LYS A 706 17.58 -1.86 -8.26
C LYS A 706 18.03 -0.57 -7.55
N ARG A 707 19.11 0.05 -8.03
CA ARG A 707 19.68 1.23 -7.37
C ARG A 707 20.15 2.30 -8.36
N TYR A 708 19.30 3.29 -8.60
CA TYR A 708 19.58 4.30 -9.61
C TYR A 708 18.78 5.59 -9.44
N ALA A 709 19.20 6.62 -10.19
CA ALA A 709 18.67 7.97 -10.06
C ALA A 709 18.57 8.58 -11.46
N LEU A 710 17.44 9.22 -11.75
CA LEU A 710 17.21 9.86 -13.05
C LEU A 710 16.54 11.22 -12.91
N ASN A 711 17.08 12.21 -13.62
CA ASN A 711 16.42 13.52 -13.73
C ASN A 711 15.39 13.48 -14.84
N VAL A 712 14.12 13.37 -14.47
CA VAL A 712 13.07 13.07 -15.45
C VAL A 712 12.30 14.33 -15.89
N TRP A 713 12.07 14.45 -17.20
CA TRP A 713 11.33 15.57 -17.81
C TRP A 713 9.93 15.20 -18.30
N ASP A 714 9.74 13.92 -18.64
CA ASP A 714 8.46 13.41 -19.09
C ASP A 714 8.25 11.97 -18.61
N MET A 715 7.10 11.71 -18.00
CA MET A 715 6.80 10.40 -17.42
C MET A 715 5.43 9.93 -17.87
N GLU A 716 5.40 8.87 -18.69
CA GLU A 716 4.17 8.28 -19.27
C GLU A 716 3.24 9.30 -19.96
N GLY A 717 3.82 10.33 -20.54
CA GLY A 717 3.03 11.35 -21.22
C GLY A 717 2.82 12.62 -20.41
N THR A 718 3.20 12.61 -19.14
CA THR A 718 3.14 13.81 -18.34
C THR A 718 4.41 14.64 -18.51
N ARG A 719 4.30 15.78 -19.20
CA ARG A 719 5.43 16.70 -19.31
C ARG A 719 5.43 17.63 -18.11
N TYR A 720 6.39 17.42 -17.21
CA TYR A 720 6.47 18.20 -15.97
C TYR A 720 6.78 19.65 -16.24
N ALA A 721 6.18 20.53 -15.45
CA ALA A 721 6.55 21.95 -15.41
C ALA A 721 8.00 22.08 -14.94
N GLU A 722 8.36 21.31 -13.92
CA GLU A 722 9.74 21.25 -13.40
C GLU A 722 10.27 19.81 -13.41
N PRO A 723 11.57 19.63 -13.72
CA PRO A 723 12.10 18.26 -13.72
C PRO A 723 11.83 17.58 -12.38
N LYS A 724 11.58 16.28 -12.40
CA LYS A 724 11.33 15.52 -11.17
C LYS A 724 12.32 14.36 -11.06
N LEU A 725 12.86 14.14 -9.88
CA LEU A 725 13.85 13.07 -9.73
C LEU A 725 13.16 11.71 -9.64
N LYS A 726 13.64 10.75 -10.42
CA LYS A 726 13.21 9.37 -10.24
C LYS A 726 14.34 8.58 -9.57
N ILE A 727 14.19 8.36 -8.28
CA ILE A 727 15.16 7.62 -7.50
C ILE A 727 14.57 6.29 -7.05
N MET A 728 15.27 5.20 -7.37
CA MET A 728 14.84 3.89 -6.88
C MET A 728 15.93 3.22 -6.05
N GLY A 729 15.55 2.73 -4.88
CA GLY A 729 16.43 1.91 -4.06
C GLY A 729 17.43 2.64 -3.19
N LEU A 730 17.84 3.84 -3.60
CA LEU A 730 18.84 4.60 -2.84
C LEU A 730 18.27 5.08 -1.53
N GLU A 731 19.17 5.35 -0.59
CA GLU A 731 18.78 5.64 0.81
C GLU A 731 17.65 6.65 0.97
N THR A 732 17.54 7.60 0.05
CA THR A 732 16.44 8.58 0.06
C THR A 732 15.05 7.94 -0.03
N GLN A 733 15.01 6.67 -0.42
CA GLN A 733 13.73 5.97 -0.63
C GLN A 733 13.40 5.01 0.51
N LYS A 734 14.38 4.82 1.41
CA LYS A 734 14.28 3.85 2.48
C LYS A 734 13.78 4.52 3.74
N SER A 735 12.82 3.88 4.40
CA SER A 735 12.22 4.44 5.61
C SER A 735 13.18 4.37 6.80
N SER A 736 14.25 3.59 6.69
CA SER A 736 15.23 3.47 7.76
C SER A 736 16.24 4.63 7.80
N THR A 737 16.38 5.33 6.68
CA THR A 737 17.26 6.51 6.57
C THR A 737 16.61 7.71 7.25
N PRO A 738 17.37 8.46 8.08
CA PRO A 738 16.79 9.57 8.82
C PRO A 738 16.25 10.66 7.90
N LYS A 739 15.12 11.26 8.30
CA LYS A 739 14.42 12.30 7.55
C LYS A 739 15.31 13.37 6.95
N ALA A 740 16.15 13.98 7.77
CA ALA A 740 17.00 15.09 7.32
C ALA A 740 18.12 14.60 6.41
N VAL A 741 18.48 13.33 6.52
CA VAL A 741 19.49 12.74 5.65
C VAL A 741 18.88 12.35 4.29
N GLN A 742 17.63 11.88 4.29
CA GLN A 742 16.95 11.63 3.02
C GLN A 742 16.99 12.94 2.25
N LYS A 743 16.50 13.98 2.88
CA LYS A 743 16.43 15.31 2.32
C LYS A 743 17.80 15.74 1.80
N ALA A 744 18.83 15.55 2.61
CA ALA A 744 20.19 15.97 2.25
C ALA A 744 20.75 15.18 1.07
N LEU A 745 20.56 13.88 1.12
CA LEU A 745 21.01 12.99 0.03
C LEU A 745 20.29 13.32 -1.28
N LYS A 746 18.99 13.59 -1.18
CA LYS A 746 18.21 13.91 -2.35
C LYS A 746 18.77 15.17 -2.98
N GLU A 747 18.99 16.20 -2.17
CA GLU A 747 19.54 17.45 -2.69
C GLU A 747 20.93 17.24 -3.33
N CYS A 748 21.74 16.37 -2.72
CA CYS A 748 22.99 15.96 -3.37
C CYS A 748 22.70 15.36 -4.74
N ILE A 749 21.78 14.40 -4.81
CA ILE A 749 21.47 13.76 -6.07
C ILE A 749 20.99 14.83 -7.07
N ARG A 750 20.06 15.68 -6.64
CA ARG A 750 19.56 16.75 -7.51
C ARG A 750 20.70 17.56 -8.12
N ARG A 751 21.65 17.94 -7.29
CA ARG A 751 22.81 18.72 -7.72
C ARG A 751 23.68 17.95 -8.73
N MET A 752 23.97 16.69 -8.43
CA MET A 752 24.69 15.84 -9.35
C MET A 752 23.98 15.79 -10.69
N LEU A 753 22.68 15.48 -10.68
CA LEU A 753 21.94 15.26 -11.91
C LEU A 753 21.68 16.51 -12.72
N GLN A 754 21.56 17.66 -12.05
CA GLN A 754 21.13 18.90 -12.72
C GLN A 754 22.19 19.98 -12.87
N GLU A 755 23.22 19.93 -12.03
CA GLU A 755 24.12 21.07 -11.88
C GLU A 755 25.60 20.71 -12.00
N GLY A 756 26.00 19.55 -11.48
CA GLY A 756 27.38 19.06 -11.67
C GLY A 756 28.17 18.90 -10.39
N GLU A 757 29.45 18.55 -10.54
CA GLU A 757 30.34 18.25 -9.41
C GLU A 757 30.55 19.44 -8.46
N GLU A 758 30.80 20.62 -9.03
CA GLU A 758 31.08 21.79 -8.24
C GLU A 758 29.89 22.15 -7.33
N SER A 759 28.67 22.05 -7.85
CA SER A 759 27.49 22.36 -7.05
C SER A 759 27.34 21.39 -5.91
N LEU A 760 27.49 20.10 -6.22
CA LEU A 760 27.49 19.04 -5.22
C LEU A 760 28.52 19.30 -4.13
N GLN A 761 29.75 19.61 -4.51
CA GLN A 761 30.81 19.84 -3.52
C GLN A 761 30.43 20.97 -2.56
N GLU A 762 29.95 22.07 -3.13
CA GLU A 762 29.45 23.20 -2.36
C GLU A 762 28.41 22.77 -1.31
N TYR A 763 27.38 22.03 -1.72
CA TYR A 763 26.33 21.62 -0.78
C TYR A 763 26.84 20.69 0.32
N PHE A 764 27.72 19.77 -0.05
CA PHE A 764 28.27 18.82 0.90
C PHE A 764 28.98 19.55 2.02
N LYS A 765 29.79 20.53 1.63
CA LYS A 765 30.56 21.31 2.59
C LYS A 765 29.61 21.96 3.60
N GLU A 766 28.51 22.53 3.09
CA GLU A 766 27.56 23.20 3.95
C GLU A 766 26.89 22.22 4.93
N PHE A 767 26.49 21.06 4.41
CA PHE A 767 25.74 20.12 5.22
C PHE A 767 26.57 19.64 6.39
N GLU A 768 27.79 19.19 6.10
CA GLU A 768 28.75 18.77 7.11
C GLU A 768 29.01 19.87 8.15
N LYS A 769 28.95 21.12 7.71
CA LYS A 769 29.20 22.26 8.56
C LYS A 769 28.07 22.51 9.57
N GLU A 770 26.82 22.27 9.14
CA GLU A 770 25.64 22.68 9.91
C GLU A 770 24.85 21.53 10.53
N PHE A 771 25.16 20.30 10.15
CA PHE A 771 24.25 19.20 10.48
C PHE A 771 24.06 18.93 11.97
N ARG A 772 25.08 19.25 12.77
CA ARG A 772 25.00 19.07 14.22
C ARG A 772 23.87 19.88 14.85
N GLN A 773 23.35 20.85 14.10
CA GLN A 773 22.27 21.69 14.61
C GLN A 773 20.88 21.17 14.27
N LEU A 774 20.83 20.01 13.64
CA LEU A 774 19.55 19.40 13.28
C LEU A 774 18.89 18.75 14.49
N ASN A 775 17.57 18.83 14.51
CA ASN A 775 16.79 18.17 15.54
C ASN A 775 17.09 16.68 15.55
N TYR A 776 17.35 16.16 16.75
CA TYR A 776 17.79 14.77 16.91
C TYR A 776 16.87 13.76 16.23
N ILE A 777 15.55 13.99 16.27
CA ILE A 777 14.61 13.07 15.64
C ILE A 777 14.83 13.02 14.13
N SER A 778 15.22 14.16 13.55
CA SER A 778 15.35 14.25 12.10
C SER A 778 16.60 13.54 11.63
N ILE A 779 17.48 13.21 12.57
CA ILE A 779 18.74 12.54 12.23
C ILE A 779 18.86 11.14 12.83
N ALA A 780 17.84 10.71 13.55
CA ALA A 780 17.76 9.35 14.09
C ALA A 780 17.37 8.33 13.00
N SER A 781 17.97 7.16 13.02
CA SER A 781 17.61 6.07 12.08
C SER A 781 16.32 5.41 12.52
N VAL A 782 15.73 4.61 11.65
CA VAL A 782 14.48 3.93 11.99
C VAL A 782 14.60 2.44 11.72
N SER A 783 14.02 1.62 12.59
CA SER A 783 13.99 0.17 12.37
C SER A 783 12.76 -0.48 12.98
N SER A 784 12.30 -1.56 12.35
CA SER A 784 11.28 -2.42 12.96
C SER A 784 11.92 -3.22 14.08
N ALA A 785 11.23 -3.30 15.20
CA ALA A 785 11.71 -4.06 16.35
C ALA A 785 11.08 -5.46 16.41
N ASN A 786 11.73 -6.42 15.77
CA ASN A 786 11.24 -7.80 15.74
C ASN A 786 12.08 -8.73 16.60
N ASN A 787 11.41 -9.72 17.20
CA ASN A 787 12.06 -10.76 18.03
C ASN A 787 12.98 -10.19 19.11
N ILE A 788 12.49 -9.18 19.82
CA ILE A 788 13.25 -8.49 20.86
C ILE A 788 13.64 -9.43 22.01
N ALA A 789 12.65 -10.15 22.54
CA ALA A 789 12.85 -11.12 23.62
C ALA A 789 14.01 -12.09 23.35
N LYS A 790 14.08 -12.58 22.12
CA LYS A 790 15.11 -13.53 21.68
C LYS A 790 16.55 -13.12 22.02
N TYR A 791 16.79 -11.81 22.07
CA TYR A 791 18.14 -11.29 22.30
C TYR A 791 18.29 -10.59 23.67
N ASP A 792 17.27 -10.73 24.51
CA ASP A 792 17.24 -10.14 25.85
C ASP A 792 17.78 -11.13 26.88
N VAL A 793 19.05 -10.98 27.21
CA VAL A 793 19.69 -11.86 28.19
C VAL A 793 19.91 -11.09 29.50
N GLY A 794 18.88 -11.07 30.34
CA GLY A 794 18.89 -10.37 31.62
C GLY A 794 19.01 -8.86 31.49
N GLY A 795 18.34 -8.32 30.47
CA GLY A 795 18.38 -6.88 30.18
C GLY A 795 19.54 -6.46 29.29
N PHE A 796 20.38 -7.43 28.91
CA PHE A 796 21.59 -7.14 28.13
C PHE A 796 21.56 -7.87 26.78
N PRO A 797 22.37 -7.38 25.81
CA PRO A 797 22.47 -7.97 24.47
C PRO A 797 22.96 -9.41 24.45
N GLY A 798 22.18 -10.28 23.80
CA GLY A 798 22.58 -11.66 23.57
C GLY A 798 23.45 -11.79 22.32
N PRO A 799 23.85 -13.03 21.97
CA PRO A 799 24.68 -13.25 20.79
C PRO A 799 23.91 -12.98 19.49
N LYS A 800 24.62 -12.46 18.49
CA LYS A 800 24.05 -12.04 17.19
C LYS A 800 22.98 -10.95 17.34
N CYS A 801 23.06 -10.19 18.42
CA CYS A 801 22.07 -9.16 18.72
C CYS A 801 22.15 -8.02 17.73
N PRO A 802 21.04 -7.78 17.00
CA PRO A 802 20.97 -6.69 16.02
C PRO A 802 21.16 -5.32 16.70
N PHE A 803 21.71 -4.38 15.93
CA PHE A 803 22.04 -3.04 16.43
C PHE A 803 20.85 -2.36 17.08
N HIS A 804 19.72 -2.34 16.37
CA HIS A 804 18.52 -1.64 16.83
C HIS A 804 17.90 -2.31 18.06
N ILE A 805 18.01 -3.63 18.14
CA ILE A 805 17.54 -4.36 19.32
C ILE A 805 18.38 -4.00 20.54
N ARG A 806 19.69 -3.88 20.36
CA ARG A 806 20.60 -3.46 21.43
C ARG A 806 20.18 -2.09 22.00
N GLY A 807 19.67 -1.23 21.12
CA GLY A 807 19.19 0.09 21.54
C GLY A 807 17.92 0.00 22.36
N ILE A 808 17.06 -0.93 21.98
CA ILE A 808 15.85 -1.21 22.73
C ILE A 808 16.21 -1.68 24.14
N LEU A 809 17.19 -2.59 24.23
CA LEU A 809 17.66 -3.09 25.51
C LEU A 809 18.31 -1.98 26.34
N THR A 810 18.97 -1.05 25.68
CA THR A 810 19.55 0.10 26.36
C THR A 810 18.42 0.98 26.91
N TYR A 811 17.39 1.19 26.09
CA TYR A 811 16.22 1.96 26.50
C TYR A 811 15.51 1.35 27.71
N ASN A 812 15.22 0.05 27.63
CA ASN A 812 14.60 -0.67 28.75
C ASN A 812 15.33 -0.51 30.10
N ARG A 813 16.67 -0.53 30.07
CA ARG A 813 17.45 -0.37 31.30
C ARG A 813 17.41 1.05 31.85
N ALA A 814 17.42 2.03 30.96
CA ALA A 814 17.38 3.43 31.36
C ALA A 814 16.00 3.87 31.85
N ILE A 815 14.95 3.16 31.47
CA ILE A 815 13.59 3.47 31.96
C ILE A 815 13.06 2.48 33.00
N LYS A 816 13.93 1.61 33.51
CA LYS A 816 13.54 0.62 34.50
C LYS A 816 13.06 1.31 35.78
N GLY A 817 11.79 1.09 36.13
CA GLY A 817 11.21 1.68 37.33
C GLY A 817 10.57 3.04 37.10
N ASN A 818 10.77 3.58 35.90
CA ASN A 818 10.05 4.75 35.44
C ASN A 818 8.65 4.27 35.10
N ILE A 819 7.66 4.82 35.79
CA ILE A 819 6.30 4.29 35.79
C ILE A 819 5.58 4.50 34.45
N ASP A 820 5.65 5.71 33.92
CA ASP A 820 4.92 6.05 32.69
C ASP A 820 5.81 6.30 31.47
N ALA A 821 7.01 5.73 31.47
CA ALA A 821 7.86 5.77 30.28
C ALA A 821 7.28 4.79 29.25
N PRO A 822 7.13 5.25 27.98
CA PRO A 822 6.54 4.43 26.90
C PRO A 822 7.35 3.18 26.59
N GLN A 823 6.72 2.02 26.74
CA GLN A 823 7.37 0.76 26.40
C GLN A 823 7.42 0.57 24.89
N VAL A 824 8.53 0.00 24.42
CA VAL A 824 8.67 -0.36 23.02
C VAL A 824 7.79 -1.57 22.74
N VAL A 825 7.00 -1.52 21.67
CA VAL A 825 6.12 -2.61 21.30
C VAL A 825 6.77 -3.51 20.25
N GLU A 826 6.91 -4.79 20.60
CA GLU A 826 7.40 -5.80 19.67
C GLU A 826 6.72 -5.67 18.30
N GLY A 827 7.53 -5.69 17.24
CA GLY A 827 7.02 -5.61 15.87
C GLY A 827 6.79 -4.21 15.35
N GLU A 828 7.00 -3.21 16.22
CA GLU A 828 6.76 -1.81 15.87
C GLU A 828 8.06 -1.03 15.65
N LYS A 829 7.96 0.22 15.21
CA LYS A 829 9.14 0.92 14.72
C LYS A 829 9.81 1.82 15.76
N VAL A 830 11.15 1.83 15.75
CA VAL A 830 11.91 2.68 16.68
C VAL A 830 12.86 3.62 15.96
N TYR A 831 13.04 4.80 16.56
CA TYR A 831 14.20 5.64 16.28
C TYR A 831 15.43 5.03 16.93
N VAL A 832 16.58 5.22 16.30
CA VAL A 832 17.84 4.65 16.78
C VAL A 832 18.94 5.69 16.64
N LEU A 833 19.69 5.91 17.72
CA LEU A 833 20.83 6.80 17.71
C LEU A 833 22.07 6.15 18.33
N PRO A 834 23.23 6.30 17.67
CA PRO A 834 24.52 5.89 18.22
C PRO A 834 24.97 6.78 19.37
N LEU A 835 25.69 6.18 20.31
CA LEU A 835 26.14 6.87 21.52
C LEU A 835 27.66 6.88 21.60
N ARG A 836 28.23 8.01 22.02
CA ARG A 836 29.68 8.11 22.20
C ARG A 836 30.13 7.18 23.32
N GLU A 837 31.38 6.72 23.25
CA GLU A 837 31.90 5.82 24.26
C GLU A 837 31.92 6.47 25.64
N GLY A 838 31.66 5.68 26.68
CA GLY A 838 31.69 6.14 28.07
C GLY A 838 30.41 6.81 28.54
N ASN A 839 29.37 6.75 27.71
CA ASN A 839 28.04 7.28 28.05
C ASN A 839 27.44 6.58 29.27
N PRO A 840 26.47 7.21 29.96
CA PRO A 840 25.92 6.62 31.19
C PRO A 840 24.81 5.58 30.93
N PHE A 841 24.64 5.19 29.67
CA PHE A 841 23.73 4.11 29.28
C PHE A 841 24.46 2.78 29.18
N GLY A 842 25.78 2.83 29.04
CA GLY A 842 26.60 1.63 29.06
C GLY A 842 26.60 0.82 27.77
N ASP A 843 26.12 1.42 26.69
CA ASP A 843 26.20 0.80 25.37
C ASP A 843 26.28 1.79 24.23
N LYS A 844 26.53 1.26 23.04
CA LYS A 844 26.87 2.05 21.86
C LYS A 844 25.69 2.64 21.08
N CYS A 845 24.47 2.31 21.51
CA CYS A 845 23.27 2.89 20.88
C CYS A 845 22.04 2.87 21.79
N ILE A 846 21.08 3.74 21.48
CA ILE A 846 19.78 3.75 22.15
C ILE A 846 18.64 3.77 21.13
N ALA A 847 17.49 3.22 21.51
CA ALA A 847 16.33 3.20 20.64
C ALA A 847 15.02 3.40 21.42
N TRP A 848 14.13 4.23 20.87
CA TRP A 848 12.84 4.50 21.48
C TRP A 848 11.76 4.52 20.40
N PRO A 849 10.48 4.36 20.79
CA PRO A 849 9.40 4.26 19.79
C PRO A 849 9.37 5.45 18.83
N SER A 850 9.22 5.15 17.54
CA SER A 850 9.21 6.15 16.50
C SER A 850 7.94 7.00 16.56
N GLY A 851 8.03 8.21 16.02
CA GLY A 851 6.91 9.14 16.02
C GLY A 851 6.74 9.89 17.32
N THR A 852 7.57 9.55 18.32
CA THR A 852 7.45 10.15 19.65
C THR A 852 8.76 10.83 20.06
N GLU A 853 8.63 11.89 20.84
CA GLU A 853 9.76 12.48 21.54
C GLU A 853 10.21 11.48 22.59
N ILE A 854 11.52 11.38 22.79
CA ILE A 854 12.05 10.49 23.82
C ILE A 854 11.73 11.08 25.20
N THR A 855 11.25 10.23 26.11
CA THR A 855 10.86 10.64 27.47
C THR A 855 11.88 11.61 28.11
N ASP A 856 11.38 12.69 28.69
CA ASP A 856 12.21 13.82 29.16
C ASP A 856 13.28 13.44 30.18
N LEU A 857 13.06 12.32 30.86
CA LEU A 857 13.95 11.83 31.91
C LEU A 857 15.31 11.38 31.39
N ILE A 858 15.36 10.94 30.14
CA ILE A 858 16.61 10.48 29.53
C ILE A 858 16.97 11.24 28.25
N LYS A 859 16.08 12.14 27.83
CA LYS A 859 16.33 13.00 26.67
C LYS A 859 17.63 13.78 26.84
N ASP A 860 17.72 14.54 27.92
CA ASP A 860 18.94 15.26 28.32
C ASP A 860 20.21 14.51 27.97
N ASP A 861 20.31 13.28 28.49
CA ASP A 861 21.49 12.44 28.34
C ASP A 861 21.68 11.97 26.91
N VAL A 862 20.59 11.64 26.23
CA VAL A 862 20.64 11.28 24.82
C VAL A 862 21.23 12.43 23.99
N LEU A 863 20.67 13.63 24.12
CA LEU A 863 21.20 14.80 23.40
C LEU A 863 22.68 15.05 23.68
N HIS A 864 23.10 14.84 24.93
CA HIS A 864 24.49 15.08 25.33
C HIS A 864 25.45 14.03 24.75
N TRP A 865 24.98 12.79 24.60
CA TRP A 865 25.86 11.68 24.20
C TRP A 865 25.72 11.18 22.76
N MET A 866 24.74 11.71 22.03
CA MET A 866 24.58 11.42 20.60
C MET A 866 25.93 11.45 19.91
N ASP A 867 26.18 10.49 19.04
CA ASP A 867 27.45 10.49 18.34
C ASP A 867 27.27 11.01 16.93
N TYR A 868 27.49 12.31 16.77
CA TYR A 868 27.28 12.97 15.49
C TYR A 868 28.23 12.45 14.42
N THR A 869 29.48 12.22 14.78
CA THR A 869 30.47 11.70 13.86
C THR A 869 30.01 10.38 13.22
N VAL A 870 29.67 9.41 14.06
CA VAL A 870 29.19 8.11 13.61
C VAL A 870 27.90 8.24 12.79
N LEU A 871 26.99 9.08 13.26
CA LEU A 871 25.70 9.28 12.61
C LEU A 871 25.83 9.82 11.17
N LEU A 872 26.77 10.74 10.96
CA LEU A 872 27.05 11.28 9.62
C LEU A 872 27.76 10.27 8.73
N GLU A 873 28.79 9.62 9.25
CA GLU A 873 29.53 8.61 8.48
C GLU A 873 28.59 7.51 7.99
N LYS A 874 27.74 7.04 8.89
CA LYS A 874 26.94 5.86 8.66
C LYS A 874 25.81 6.15 7.70
N THR A 875 25.04 7.21 7.95
CA THR A 875 23.81 7.44 7.19
C THR A 875 24.00 8.33 5.98
N PHE A 876 25.01 9.19 6.00
CA PHE A 876 25.16 10.20 4.95
C PHE A 876 26.37 9.98 4.05
N ILE A 877 27.56 10.03 4.64
CA ILE A 877 28.78 9.95 3.84
C ILE A 877 28.88 8.64 3.06
N LYS A 878 28.69 7.52 3.75
CA LYS A 878 28.89 6.22 3.11
C LYS A 878 27.90 5.97 1.95
N PRO A 879 26.61 6.32 2.11
CA PRO A 879 25.76 6.22 0.92
C PRO A 879 26.18 7.18 -0.18
N LEU A 880 26.50 8.42 0.19
CA LEU A 880 26.92 9.42 -0.78
C LEU A 880 28.18 8.98 -1.54
N GLU A 881 29.08 8.29 -0.83
CA GLU A 881 30.30 7.72 -1.41
C GLU A 881 29.96 6.72 -2.52
N GLY A 882 28.92 5.92 -2.28
CA GLY A 882 28.44 4.95 -3.25
C GLY A 882 27.90 5.63 -4.49
N PHE A 883 27.15 6.71 -4.31
CA PHE A 883 26.52 7.42 -5.42
C PHE A 883 27.62 8.04 -6.27
N THR A 884 28.53 8.75 -5.62
CA THR A 884 29.51 9.58 -6.32
C THR A 884 30.58 8.77 -7.03
N SER A 885 31.05 7.70 -6.39
CA SER A 885 32.07 6.85 -7.01
C SER A 885 31.51 6.12 -8.24
N ALA A 886 30.26 5.70 -8.14
CA ALA A 886 29.59 5.04 -9.25
C ALA A 886 29.49 6.04 -10.38
N ALA A 887 29.23 7.29 -10.04
CA ALA A 887 29.02 8.34 -11.03
C ALA A 887 30.33 8.95 -11.50
N LYS A 888 31.43 8.48 -10.92
CA LYS A 888 32.78 8.91 -11.27
C LYS A 888 32.96 10.40 -11.02
N LEU A 889 32.61 10.78 -9.79
CA LEU A 889 32.47 12.16 -9.36
C LEU A 889 32.96 12.23 -7.92
N ASP A 890 33.33 13.41 -7.46
CA ASP A 890 33.80 13.59 -6.09
C ASP A 890 32.88 14.52 -5.30
N TYR A 891 32.59 14.16 -4.05
CA TYR A 891 31.82 15.06 -3.17
C TYR A 891 32.71 16.08 -2.45
N GLU A 892 33.99 15.74 -2.27
CA GLU A 892 34.99 16.67 -1.75
C GLU A 892 36.04 16.88 -2.81
N LYS A 893 36.52 18.12 -2.94
CA LYS A 893 37.63 18.43 -3.84
C LYS A 893 38.85 17.56 -3.51
N LYS A 894 39.29 16.77 -4.48
CA LYS A 894 40.49 15.96 -4.32
C LYS A 894 41.77 16.82 -4.28
N ALA A 895 42.80 16.33 -3.57
CA ALA A 895 44.09 16.99 -3.58
C ALA A 895 44.69 16.97 -4.98
N SER A 896 45.34 18.06 -5.37
CA SER A 896 45.94 18.19 -6.71
C SER A 896 47.14 19.10 -6.67
N LEU A 897 47.90 19.11 -7.77
CA LEU A 897 49.08 19.97 -7.92
C LEU A 897 48.75 21.46 -7.76
N PHE A 898 47.51 21.83 -8.10
CA PHE A 898 47.03 23.21 -7.98
C PHE A 898 46.97 23.71 -6.54
N ASP A 899 47.04 22.79 -5.58
CA ASP A 899 47.03 23.13 -4.16
C ASP A 899 48.22 23.99 -3.76
N MET A 900 49.23 24.02 -4.64
CA MET A 900 50.45 24.76 -4.41
C MET A 900 50.29 26.27 -4.63
N PHE A 901 49.18 26.68 -5.23
CA PHE A 901 48.95 28.09 -5.55
C PHE A 901 47.91 28.73 -4.62
N ASP A 902 47.81 30.05 -4.69
CA ASP A 902 46.87 30.81 -3.87
C ASP A 902 45.69 31.34 -4.71
N PHE A 903 44.54 30.66 -4.64
CA PHE A 903 43.34 31.05 -5.39
C PHE A 903 42.22 31.63 -4.50
#